data_4QUV
#
_entry.id   4QUV
#
_cell.length_a   74.660
_cell.length_b   74.615
_cell.length_c   79.549
_cell.angle_alpha   66.00
_cell.angle_beta   90.37
_cell.angle_gamma   86.86
#
_symmetry.space_group_name_H-M   'P 1'
#
loop_
_entity.id
_entity.type
_entity.pdbx_description
1 polymer 'Delta(14)-sterol reductase'
2 non-polymer 'NADPH DIHYDRO-NICOTINAMIDE-ADENINE-DINUCLEOTIDE PHOSPHATE'
#
_entity_poly.entity_id   1
_entity_poly.type   'polypeptide(L)'
_entity_poly.pdbx_seq_one_letter_code
;MSEQESRDNAAVDAVRQKYGFGFSWLVLMIALPPLVYYLWICVTYYQGELVFTSDAAAWRRFWSHVAPPTWHAAGLYAAW
FLGQAALQVWAPGPTVQGMKLPDGSRLDYRMNGIFSFLFTLAVVFGLVTMGWLDATVLYDQLGPLLTVVNIFTFVFAGFL
YFWGLNGKQWERPTGRPFYDYFMGTALNPRIGSLDLKLFCEARPGMIFWLLMNLSMAAKQYELHGTVTVPMLLVVGFQSF
YLIDYFIHEEAVLTTWDIKHEKFGWMLCWGDLVWLPFTYTLQAQYLVHHTHDLPVWGIIAIVALNLAGYAIFRGANIQKH
HFRRDPNRIVWGKPAKYIKTKQGSLLLTSGWWGIARHMNYFGDLMIALSWCLPAAFGSPIPYFHIVYFTILLLHREKRDD
AMCLAKYGEDWLQYRKKVPWRIVPKIY
;
_entity_poly.pdbx_strand_id   A,B
#
# COMPACT_ATOMS: atom_id res chain seq x y z
N PHE A 23 -13.26 42.05 -9.44
CA PHE A 23 -12.02 42.80 -9.27
C PHE A 23 -10.86 41.87 -8.87
N SER A 24 -10.81 41.50 -7.60
CA SER A 24 -9.73 40.63 -7.08
C SER A 24 -9.81 39.25 -7.69
N TRP A 25 -10.97 38.93 -8.25
CA TRP A 25 -11.26 37.56 -8.60
C TRP A 25 -10.83 37.23 -10.02
N LEU A 26 -10.98 38.20 -10.92
CA LEU A 26 -10.57 37.97 -12.29
C LEU A 26 -9.04 38.04 -12.38
N VAL A 27 -8.45 38.94 -11.59
CA VAL A 27 -6.99 39.01 -11.54
C VAL A 27 -6.41 37.79 -10.83
N LEU A 28 -7.06 37.29 -9.79
CA LEU A 28 -6.58 36.08 -9.16
C LEU A 28 -6.68 34.92 -10.15
N MET A 29 -7.78 34.93 -10.89
CA MET A 29 -8.07 33.94 -11.91
C MET A 29 -6.98 33.88 -13.00
N ILE A 30 -6.58 35.04 -13.51
CA ILE A 30 -5.50 35.08 -14.50
C ILE A 30 -4.13 34.85 -13.87
N ALA A 31 -4.04 35.06 -12.55
CA ALA A 31 -2.77 34.98 -11.86
C ALA A 31 -2.35 33.55 -11.53
N LEU A 32 -3.32 32.69 -11.22
CA LEU A 32 -3.01 31.34 -10.75
C LEU A 32 -2.19 30.42 -11.70
N PRO A 33 -2.67 30.20 -12.95
CA PRO A 33 -1.89 29.31 -13.82
C PRO A 33 -0.38 29.67 -13.95
N PRO A 34 -0.04 30.96 -14.08
CA PRO A 34 1.40 31.29 -14.04
C PRO A 34 2.12 30.75 -12.82
N LEU A 35 1.56 30.91 -11.63
CA LEU A 35 2.25 30.45 -10.44
C LEU A 35 2.59 28.97 -10.51
N VAL A 36 1.73 28.16 -11.14
CA VAL A 36 2.04 26.74 -11.29
C VAL A 36 3.20 26.56 -12.30
N TYR A 37 3.12 27.26 -13.43
CA TYR A 37 4.22 27.28 -14.39
C TYR A 37 5.51 27.68 -13.70
N TYR A 38 5.46 28.77 -12.93
CA TYR A 38 6.64 29.34 -12.29
C TYR A 38 7.36 28.30 -11.47
N LEU A 39 6.58 27.64 -10.62
CA LEU A 39 7.15 26.63 -9.74
C LEU A 39 7.70 25.45 -10.53
N TRP A 40 6.92 25.01 -11.52
CA TRP A 40 7.30 23.86 -12.35
C TRP A 40 8.57 24.17 -13.14
N ILE A 41 8.54 25.33 -13.80
CA ILE A 41 9.73 25.81 -14.47
C ILE A 41 10.87 25.81 -13.49
N CYS A 42 10.68 26.49 -12.35
CA CYS A 42 11.70 26.59 -11.32
C CYS A 42 12.34 25.24 -10.99
N VAL A 43 11.51 24.29 -10.58
CA VAL A 43 12.04 23.01 -10.15
C VAL A 43 12.72 22.24 -11.29
N THR A 44 12.08 22.18 -12.45
CA THR A 44 12.55 21.32 -13.54
C THR A 44 13.77 21.92 -14.27
N TYR A 45 13.67 23.17 -14.73
CA TYR A 45 14.70 23.76 -15.58
C TYR A 45 15.83 24.41 -14.78
N TYR A 46 15.50 25.03 -13.65
CA TYR A 46 16.53 25.50 -12.71
C TYR A 46 16.82 24.35 -11.73
N GLN A 47 17.42 24.63 -10.57
CA GLN A 47 17.67 23.54 -9.63
C GLN A 47 16.79 23.61 -8.41
N GLY A 48 15.54 23.97 -8.65
CA GLY A 48 14.57 24.15 -7.59
C GLY A 48 14.85 25.39 -6.78
N GLU A 49 15.63 26.32 -7.32
CA GLU A 49 15.90 27.58 -6.60
C GLU A 49 14.81 28.62 -6.88
N LEU A 50 14.49 29.45 -5.88
CA LEU A 50 13.50 30.50 -6.06
C LEU A 50 14.09 31.62 -6.91
N VAL A 51 13.93 31.50 -8.21
CA VAL A 51 14.40 32.50 -9.17
C VAL A 51 13.61 33.80 -9.07
N PHE A 52 14.31 34.91 -8.85
CA PHE A 52 13.75 36.24 -9.07
C PHE A 52 14.83 37.27 -9.36
N THR A 53 14.68 37.89 -10.52
CA THR A 53 15.57 38.94 -10.93
C THR A 53 14.66 40.06 -11.42
N SER A 54 15.25 41.18 -11.82
CA SER A 54 14.46 42.19 -12.48
C SER A 54 14.80 42.22 -13.97
N ASP A 55 15.73 41.36 -14.38
CA ASP A 55 16.33 41.43 -15.70
C ASP A 55 15.36 40.97 -16.79
N ALA A 56 15.16 41.82 -17.80
CA ALA A 56 14.32 41.47 -18.95
C ALA A 56 14.74 40.15 -19.60
N ALA A 57 16.00 40.06 -20.02
CA ALA A 57 16.52 38.84 -20.65
C ALA A 57 16.40 37.62 -19.76
N ALA A 58 16.57 37.82 -18.46
CA ALA A 58 16.38 36.75 -17.50
C ALA A 58 14.92 36.29 -17.50
N TRP A 59 13.98 37.22 -17.64
CA TRP A 59 12.57 36.84 -17.66
C TRP A 59 12.18 36.13 -18.96
N ARG A 60 12.72 36.58 -20.09
CA ARG A 60 12.50 35.83 -21.32
C ARG A 60 13.04 34.39 -21.24
N ARG A 61 14.25 34.23 -20.70
CA ARG A 61 14.78 32.87 -20.53
C ARG A 61 13.92 32.06 -19.57
N PHE A 62 13.45 32.69 -18.51
CA PHE A 62 12.61 32.00 -17.54
C PHE A 62 11.31 31.51 -18.20
N TRP A 63 10.55 32.45 -18.76
CA TRP A 63 9.20 32.17 -19.24
C TRP A 63 9.08 31.54 -20.62
N SER A 64 10.19 31.46 -21.36
CA SER A 64 10.18 30.74 -22.64
C SER A 64 9.97 29.25 -22.41
N HIS A 65 10.29 28.78 -21.21
CA HIS A 65 10.19 27.37 -20.88
C HIS A 65 8.76 26.81 -20.82
N VAL A 66 7.76 27.68 -20.96
CA VAL A 66 6.37 27.27 -21.02
C VAL A 66 6.05 26.43 -22.27
N ALA A 67 5.45 25.26 -22.08
CA ALA A 67 5.19 24.35 -23.20
C ALA A 67 3.81 24.55 -23.80
N PRO A 68 3.76 24.67 -25.13
CA PRO A 68 2.54 24.72 -25.95
C PRO A 68 1.80 23.38 -25.96
N PRO A 69 0.50 23.38 -26.31
CA PRO A 69 -0.38 22.21 -26.27
C PRO A 69 -0.27 21.25 -27.48
N THR A 70 0.21 20.03 -27.25
CA THR A 70 0.46 19.02 -28.30
C THR A 70 -0.70 18.04 -28.48
N TRP A 71 -0.98 17.59 -29.70
CA TRP A 71 -2.10 16.65 -29.92
C TRP A 71 -1.98 15.33 -29.14
N HIS A 72 -0.75 14.84 -28.97
CA HIS A 72 -0.56 13.58 -28.27
C HIS A 72 -0.82 13.78 -26.78
N ALA A 73 -0.56 14.98 -26.28
CA ALA A 73 -0.88 15.29 -24.89
C ALA A 73 -2.37 15.50 -24.65
N ALA A 74 -3.02 16.31 -25.50
CA ALA A 74 -4.44 16.57 -25.37
C ALA A 74 -5.22 15.28 -25.51
N GLY A 75 -4.78 14.44 -26.45
CA GLY A 75 -5.35 13.12 -26.64
C GLY A 75 -5.16 12.27 -25.41
N LEU A 76 -3.93 12.23 -24.90
CA LEU A 76 -3.62 11.41 -23.72
C LEU A 76 -4.45 11.80 -22.49
N TYR A 77 -4.49 13.10 -22.18
CA TYR A 77 -5.32 13.59 -21.10
C TYR A 77 -6.78 13.28 -21.33
N ALA A 78 -7.32 13.68 -22.47
CA ALA A 78 -8.73 13.42 -22.80
C ALA A 78 -9.09 11.94 -22.63
N ALA A 79 -8.18 11.07 -23.07
CA ALA A 79 -8.31 9.63 -22.88
C ALA A 79 -8.34 9.24 -21.40
N TRP A 80 -7.47 9.86 -20.61
CA TRP A 80 -7.41 9.61 -19.16
C TRP A 80 -8.64 10.09 -18.40
N PHE A 81 -9.00 11.34 -18.59
CA PHE A 81 -10.19 11.99 -18.03
C PHE A 81 -11.46 11.26 -18.41
N LEU A 82 -11.59 10.85 -19.66
CA LEU A 82 -12.74 10.05 -20.03
C LEU A 82 -12.68 8.58 -19.52
N GLY A 83 -11.46 8.06 -19.33
CA GLY A 83 -11.30 6.74 -18.70
C GLY A 83 -11.83 6.78 -17.28
N GLN A 84 -11.43 7.80 -16.54
CA GLN A 84 -11.94 8.03 -15.20
C GLN A 84 -13.43 8.36 -15.14
N ALA A 85 -13.95 9.11 -16.11
CA ALA A 85 -15.38 9.42 -16.10
C ALA A 85 -16.17 8.14 -16.37
N ALA A 86 -15.67 7.36 -17.34
CA ALA A 86 -16.25 6.07 -17.69
C ALA A 86 -16.31 5.19 -16.43
N LEU A 87 -15.16 5.00 -15.80
CA LEU A 87 -15.06 4.23 -14.58
C LEU A 87 -16.06 4.75 -13.54
N GLN A 88 -15.99 6.04 -13.21
CA GLN A 88 -16.87 6.66 -12.22
C GLN A 88 -18.32 6.32 -12.45
N VAL A 89 -18.72 6.27 -13.72
CA VAL A 89 -20.12 5.98 -14.08
C VAL A 89 -20.50 4.50 -13.99
N TRP A 90 -19.66 3.59 -14.49
CA TRP A 90 -19.97 2.15 -14.40
C TRP A 90 -19.23 1.28 -13.35
N ALA A 91 -18.55 1.92 -12.41
CA ALA A 91 -17.93 1.21 -11.29
C ALA A 91 -19.01 0.46 -10.49
N PRO A 92 -18.64 -0.64 -9.85
CA PRO A 92 -19.62 -1.60 -9.40
C PRO A 92 -20.66 -1.15 -8.38
N GLY A 93 -20.26 -0.46 -7.34
CA GLY A 93 -21.22 0.04 -6.36
C GLY A 93 -20.59 0.04 -4.98
N PRO A 94 -21.35 0.35 -3.92
CA PRO A 94 -22.75 0.70 -3.69
C PRO A 94 -23.08 2.16 -3.94
N THR A 95 -24.37 2.46 -3.81
CA THR A 95 -24.94 3.81 -3.93
C THR A 95 -25.23 4.39 -2.54
N VAL A 96 -24.95 5.68 -2.33
CA VAL A 96 -25.22 6.30 -1.04
C VAL A 96 -26.10 7.57 -1.18
N GLN A 97 -26.82 7.94 -0.12
CA GLN A 97 -27.55 9.20 -0.10
C GLN A 97 -26.62 10.36 0.29
N GLY A 98 -26.83 11.53 -0.30
CA GLY A 98 -25.93 12.65 -0.08
C GLY A 98 -26.49 13.91 0.55
N MET A 99 -26.31 14.05 1.86
CA MET A 99 -26.30 15.33 2.56
C MET A 99 -27.61 16.15 2.52
N LYS A 100 -27.47 17.45 2.75
CA LYS A 100 -28.52 18.44 2.47
C LYS A 100 -29.87 18.14 3.11
N LEU A 101 -29.88 17.79 4.39
CA LEU A 101 -31.13 17.24 4.96
C LEU A 101 -32.39 18.05 4.65
N PRO A 102 -32.32 19.39 4.73
CA PRO A 102 -33.55 20.08 4.31
C PRO A 102 -33.75 20.06 2.79
N ASP A 103 -34.95 20.42 2.34
CA ASP A 103 -35.24 20.37 0.92
C ASP A 103 -35.44 18.92 0.48
N GLY A 104 -34.48 18.05 0.83
CA GLY A 104 -34.54 16.67 0.42
C GLY A 104 -34.71 16.46 -1.08
N SER A 105 -33.86 17.01 -1.93
CA SER A 105 -32.51 17.52 -1.62
C SER A 105 -31.62 16.46 -0.93
N ARG A 106 -31.72 15.23 -1.43
CA ARG A 106 -30.88 14.12 -1.02
C ARG A 106 -30.40 13.39 -2.27
N LEU A 107 -29.18 13.70 -2.67
CA LEU A 107 -28.63 13.22 -3.93
C LEU A 107 -28.08 11.79 -3.89
N ASP A 108 -28.36 11.04 -4.95
CA ASP A 108 -27.81 9.70 -5.13
C ASP A 108 -26.34 9.72 -5.59
N TYR A 109 -25.51 8.88 -4.95
CA TYR A 109 -24.08 8.79 -5.25
C TYR A 109 -23.62 7.35 -5.44
N ARG A 110 -23.64 6.86 -6.68
CA ARG A 110 -22.93 5.61 -7.00
C ARG A 110 -21.49 5.87 -6.72
N MET A 111 -20.85 5.04 -5.92
CA MET A 111 -19.45 5.32 -5.60
C MET A 111 -18.50 4.13 -5.52
N ASN A 112 -17.74 3.91 -6.58
CA ASN A 112 -16.76 2.86 -6.49
C ASN A 112 -15.41 3.45 -6.75
N GLY A 113 -14.82 4.01 -5.69
CA GLY A 113 -13.49 4.56 -5.72
C GLY A 113 -12.46 3.44 -5.62
N ILE A 114 -12.68 2.48 -4.72
CA ILE A 114 -11.70 1.39 -4.55
C ILE A 114 -11.49 0.61 -5.85
N PHE A 115 -12.57 -0.03 -6.35
CA PHE A 115 -12.51 -0.77 -7.61
C PHE A 115 -11.96 0.08 -8.73
N SER A 116 -12.45 1.31 -8.87
CA SER A 116 -11.91 2.19 -9.88
C SER A 116 -10.38 2.28 -9.74
N PHE A 117 -9.90 2.75 -8.59
CA PHE A 117 -8.47 2.90 -8.30
C PHE A 117 -7.64 1.69 -8.67
N LEU A 118 -7.92 0.54 -8.05
CA LEU A 118 -7.29 -0.71 -8.47
C LEU A 118 -7.34 -0.90 -9.99
N PHE A 119 -8.52 -0.75 -10.58
CA PHE A 119 -8.67 -0.96 -12.01
C PHE A 119 -7.71 -0.12 -12.80
N THR A 120 -7.76 1.20 -12.61
CA THR A 120 -6.93 2.08 -13.41
C THR A 120 -5.47 1.84 -13.11
N LEU A 121 -5.16 1.33 -11.92
CA LEU A 121 -3.79 0.88 -11.73
C LEU A 121 -3.47 -0.27 -12.68
N ALA A 122 -4.12 -1.42 -12.51
CA ALA A 122 -3.92 -2.58 -13.37
C ALA A 122 -3.85 -2.21 -14.86
N VAL A 123 -4.79 -1.39 -15.34
CA VAL A 123 -4.78 -0.95 -16.73
C VAL A 123 -3.53 -0.12 -17.04
N VAL A 124 -3.19 0.83 -16.17
CA VAL A 124 -2.09 1.74 -16.48
C VAL A 124 -0.75 1.02 -16.46
N PHE A 125 -0.55 0.22 -15.42
CA PHE A 125 0.66 -0.56 -15.33
C PHE A 125 0.71 -1.54 -16.50
N GLY A 126 -0.47 -2.00 -16.92
CA GLY A 126 -0.59 -2.90 -18.06
C GLY A 126 -0.18 -2.30 -19.40
N LEU A 127 -0.62 -1.07 -19.66
CA LEU A 127 -0.18 -0.37 -20.86
C LEU A 127 1.33 -0.20 -20.78
N VAL A 128 1.84 0.04 -19.57
CA VAL A 128 3.29 0.19 -19.38
C VAL A 128 4.14 -1.06 -19.66
N THR A 129 3.79 -2.23 -19.11
CA THR A 129 4.52 -3.46 -19.48
C THR A 129 4.36 -3.82 -20.96
N MET A 130 3.19 -3.55 -21.52
CA MET A 130 2.96 -3.82 -22.93
C MET A 130 3.77 -2.88 -23.85
N GLY A 131 4.55 -1.98 -23.25
CA GLY A 131 5.40 -1.08 -24.01
C GLY A 131 4.62 -0.01 -24.77
N TRP A 132 3.30 -0.19 -24.82
CA TRP A 132 2.35 0.75 -25.43
C TRP A 132 2.40 2.14 -24.83
N LEU A 133 2.89 2.24 -23.60
CA LEU A 133 3.05 3.51 -22.90
C LEU A 133 4.41 3.46 -22.24
N ASP A 134 4.96 4.62 -21.91
CA ASP A 134 6.30 4.66 -21.31
C ASP A 134 6.19 4.90 -19.82
N ALA A 135 6.96 4.16 -19.04
CA ALA A 135 7.11 4.41 -17.60
C ALA A 135 7.29 5.88 -17.21
N THR A 136 7.75 6.72 -18.15
CA THR A 136 8.07 8.10 -17.83
C THR A 136 7.22 9.18 -18.51
N VAL A 137 6.13 8.81 -19.18
CA VAL A 137 5.37 9.79 -19.96
C VAL A 137 4.98 11.04 -19.18
N LEU A 138 4.53 10.85 -17.94
CA LEU A 138 4.04 11.95 -17.13
C LEU A 138 5.15 12.90 -16.71
N TYR A 139 6.38 12.41 -16.66
CA TYR A 139 7.47 13.34 -16.47
C TYR A 139 7.86 13.97 -17.80
N ASP A 140 8.03 13.14 -18.81
CA ASP A 140 8.47 13.59 -20.13
C ASP A 140 7.49 14.59 -20.74
N GLN A 141 6.30 14.12 -21.10
CA GLN A 141 5.31 15.02 -21.69
C GLN A 141 4.59 15.92 -20.67
N LEU A 142 5.19 16.12 -19.49
CA LEU A 142 4.60 16.97 -18.44
C LEU A 142 4.30 18.43 -18.84
N GLY A 143 5.34 19.21 -19.11
CA GLY A 143 5.18 20.57 -19.55
C GLY A 143 3.99 20.87 -20.46
N PRO A 144 3.81 20.06 -21.52
CA PRO A 144 2.60 20.20 -22.35
C PRO A 144 1.29 19.82 -21.64
N LEU A 145 1.29 18.79 -20.79
CA LEU A 145 0.09 18.50 -19.99
C LEU A 145 -0.36 19.69 -19.17
N LEU A 146 0.58 20.33 -18.47
CA LEU A 146 0.24 21.48 -17.63
C LEU A 146 -0.61 22.48 -18.43
N THR A 147 -0.16 22.85 -19.62
CA THR A 147 -0.91 23.79 -20.47
C THR A 147 -2.20 23.21 -21.07
N VAL A 148 -2.17 21.92 -21.42
CA VAL A 148 -3.36 21.26 -21.96
C VAL A 148 -4.50 21.26 -20.94
N VAL A 149 -4.19 20.82 -19.71
CA VAL A 149 -5.16 20.84 -18.63
C VAL A 149 -5.53 22.27 -18.28
N ASN A 150 -4.58 23.19 -18.42
CA ASN A 150 -4.89 24.59 -18.13
C ASN A 150 -5.97 25.07 -19.09
N ILE A 151 -5.85 24.70 -20.36
CA ILE A 151 -6.86 25.11 -21.35
C ILE A 151 -8.18 24.37 -21.18
N PHE A 152 -8.07 23.09 -20.82
CA PHE A 152 -9.24 22.25 -20.68
C PHE A 152 -10.10 22.71 -19.51
N THR A 153 -9.49 23.15 -18.41
CA THR A 153 -10.29 23.65 -17.30
C THR A 153 -10.98 24.96 -17.66
N PHE A 154 -10.34 25.80 -18.48
CA PHE A 154 -10.99 27.06 -18.85
C PHE A 154 -12.22 26.78 -19.72
N VAL A 155 -12.04 25.91 -20.72
CA VAL A 155 -13.16 25.54 -21.58
C VAL A 155 -14.24 24.88 -20.73
N PHE A 156 -13.79 24.08 -19.78
CA PHE A 156 -14.68 23.35 -18.92
C PHE A 156 -15.52 24.32 -18.08
N ALA A 157 -14.84 25.19 -17.35
CA ALA A 157 -15.51 26.18 -16.51
C ALA A 157 -16.47 27.02 -17.33
N GLY A 158 -16.13 27.24 -18.59
CA GLY A 158 -17.06 27.88 -19.53
C GLY A 158 -18.35 27.07 -19.63
N PHE A 159 -18.19 25.76 -19.82
CA PHE A 159 -19.36 24.88 -19.88
C PHE A 159 -20.17 24.85 -18.57
N LEU A 160 -19.49 24.73 -17.44
CA LEU A 160 -20.14 24.76 -16.12
C LEU A 160 -20.90 26.04 -15.87
N TYR A 161 -20.41 27.12 -16.46
CA TYR A 161 -21.11 28.39 -16.39
C TYR A 161 -22.35 28.26 -17.27
N PHE A 162 -22.21 27.53 -18.39
CA PHE A 162 -23.32 27.42 -19.35
C PHE A 162 -24.46 26.48 -18.97
N TRP A 163 -24.20 25.44 -18.18
CA TRP A 163 -25.30 24.52 -17.83
C TRP A 163 -26.37 25.21 -16.98
N GLY A 164 -25.96 25.89 -15.91
CA GLY A 164 -26.91 26.63 -15.10
C GLY A 164 -27.44 27.86 -15.82
N PRO A 177 -22.19 38.30 -11.48
CA PRO A 177 -22.46 38.03 -12.89
C PRO A 177 -21.28 38.35 -13.83
N PHE A 178 -20.13 38.70 -13.27
CA PHE A 178 -18.90 38.86 -14.05
C PHE A 178 -17.83 37.84 -13.64
N TYR A 179 -17.82 37.49 -12.36
CA TYR A 179 -16.92 36.49 -11.82
C TYR A 179 -17.57 35.13 -11.60
N ASP A 180 -18.87 35.00 -11.88
CA ASP A 180 -19.58 33.74 -11.60
C ASP A 180 -18.92 32.52 -12.25
N TYR A 181 -18.09 32.79 -13.25
CA TYR A 181 -17.15 31.83 -13.77
C TYR A 181 -16.31 31.24 -12.61
N PHE A 182 -15.91 32.10 -11.68
CA PHE A 182 -15.11 31.73 -10.49
C PHE A 182 -15.83 30.78 -9.53
N MET A 183 -17.08 31.08 -9.21
CA MET A 183 -17.81 30.32 -8.19
C MET A 183 -18.93 29.44 -8.74
N GLY A 184 -19.29 29.63 -10.01
CA GLY A 184 -20.16 28.72 -10.74
C GLY A 184 -21.64 28.66 -10.41
N THR A 185 -22.39 27.87 -11.17
CA THR A 185 -23.85 27.80 -11.03
C THR A 185 -24.40 26.39 -11.15
N ALA A 186 -25.61 26.20 -10.63
CA ALA A 186 -26.34 24.93 -10.75
C ALA A 186 -25.98 23.89 -9.69
N LEU A 187 -25.25 24.33 -8.67
CA LEU A 187 -24.95 23.49 -7.53
C LEU A 187 -24.19 22.26 -8.00
N ASN A 188 -24.64 21.06 -7.68
CA ASN A 188 -23.91 19.86 -8.10
C ASN A 188 -24.36 19.24 -9.42
N PRO A 189 -23.80 19.74 -10.51
CA PRO A 189 -24.20 19.46 -11.89
C PRO A 189 -23.85 18.03 -12.31
N ARG A 190 -24.67 17.46 -13.18
CA ARG A 190 -24.53 16.06 -13.55
C ARG A 190 -24.89 15.82 -15.01
N ILE A 191 -24.23 14.81 -15.57
CA ILE A 191 -24.67 14.10 -16.75
C ILE A 191 -24.64 12.61 -16.44
N GLY A 192 -25.77 11.93 -16.64
CA GLY A 192 -25.84 10.48 -16.47
C GLY A 192 -25.41 9.92 -15.12
N SER A 193 -25.78 10.60 -14.03
CA SER A 193 -25.48 10.11 -12.68
C SER A 193 -24.05 10.42 -12.26
N LEU A 194 -23.36 11.19 -13.09
CA LEU A 194 -21.99 11.61 -12.87
C LEU A 194 -21.96 13.00 -12.23
N ASP A 195 -21.64 13.02 -10.93
CA ASP A 195 -21.52 14.29 -10.19
C ASP A 195 -20.10 14.86 -10.30
N LEU A 196 -20.01 16.08 -10.80
CA LEU A 196 -18.73 16.66 -11.21
C LEU A 196 -17.82 17.17 -10.07
N LYS A 197 -18.39 17.74 -9.02
CA LYS A 197 -17.58 18.23 -7.91
C LYS A 197 -16.84 17.06 -7.28
N LEU A 198 -17.60 15.99 -7.03
CA LEU A 198 -17.05 14.79 -6.43
C LEU A 198 -16.04 14.17 -7.39
N PHE A 199 -16.47 13.98 -8.63
CA PHE A 199 -15.62 13.38 -9.65
C PHE A 199 -14.28 14.08 -9.75
N CYS A 200 -14.29 15.36 -10.13
CA CYS A 200 -13.07 16.16 -10.23
C CYS A 200 -12.28 16.20 -8.92
N GLU A 201 -12.99 16.19 -7.80
CA GLU A 201 -12.34 16.07 -6.49
C GLU A 201 -11.48 14.82 -6.47
N ALA A 202 -11.95 13.77 -7.14
CA ALA A 202 -11.33 12.46 -6.98
C ALA A 202 -10.58 11.88 -8.18
N ARG A 203 -11.33 11.47 -9.20
CA ARG A 203 -10.78 10.63 -10.26
C ARG A 203 -9.71 11.30 -11.14
N PRO A 204 -10.12 12.26 -11.99
CA PRO A 204 -9.12 12.73 -12.96
C PRO A 204 -8.09 13.63 -12.29
N GLY A 205 -8.34 14.03 -11.05
CA GLY A 205 -7.43 14.88 -10.31
C GLY A 205 -6.40 14.13 -9.46
N MET A 206 -6.90 13.30 -8.55
CA MET A 206 -6.06 12.72 -7.50
C MET A 206 -5.37 11.44 -7.92
N ILE A 207 -6.03 10.59 -8.71
CA ILE A 207 -5.36 9.41 -9.25
C ILE A 207 -4.20 9.78 -10.22
N PHE A 208 -4.37 10.90 -10.90
CA PHE A 208 -3.35 11.40 -11.80
C PHE A 208 -2.12 11.75 -10.97
N TRP A 209 -2.37 12.26 -9.78
CA TRP A 209 -1.34 12.62 -8.81
C TRP A 209 -0.39 11.45 -8.54
N LEU A 210 -0.96 10.30 -8.17
CA LEU A 210 -0.17 9.10 -7.88
C LEU A 210 0.55 8.62 -9.14
N LEU A 211 -0.13 8.67 -10.28
CA LEU A 211 0.47 8.23 -11.54
C LEU A 211 1.70 9.08 -11.86
N MET A 212 1.58 10.39 -11.72
CA MET A 212 2.71 11.25 -11.95
C MET A 212 3.86 10.82 -11.05
N ASN A 213 3.56 10.69 -9.76
CA ASN A 213 4.57 10.26 -8.82
C ASN A 213 5.30 9.01 -9.25
N LEU A 214 4.53 8.04 -9.77
CA LEU A 214 5.11 6.78 -10.23
C LEU A 214 6.03 7.05 -11.42
N SER A 215 5.49 7.72 -12.44
CA SER A 215 6.29 8.16 -13.58
C SER A 215 7.56 8.87 -13.15
N MET A 216 7.45 9.81 -12.21
CA MET A 216 8.67 10.49 -11.75
C MET A 216 9.61 9.58 -10.97
N ALA A 217 9.08 8.70 -10.15
CA ALA A 217 9.93 7.66 -9.61
C ALA A 217 10.67 6.99 -10.76
N ALA A 218 9.94 6.51 -11.75
CA ALA A 218 10.51 5.76 -12.89
C ALA A 218 11.60 6.57 -13.58
N LYS A 219 11.32 7.84 -13.80
CA LYS A 219 12.31 8.74 -14.35
C LYS A 219 13.56 8.90 -13.46
N GLN A 220 13.45 8.80 -12.14
CA GLN A 220 14.69 8.95 -11.35
C GLN A 220 15.59 7.75 -11.56
N TYR A 221 14.96 6.59 -11.71
CA TYR A 221 15.69 5.35 -11.94
C TYR A 221 16.37 5.34 -13.32
N GLU A 222 15.70 5.85 -14.34
CA GLU A 222 16.27 5.87 -15.68
C GLU A 222 17.48 6.82 -15.74
N LEU A 223 17.47 7.90 -14.99
CA LEU A 223 18.57 8.86 -14.97
C LEU A 223 19.69 8.60 -13.96
N HIS A 224 19.49 7.73 -12.98
CA HIS A 224 20.50 7.62 -11.91
C HIS A 224 20.76 6.21 -11.38
N GLY A 225 20.02 5.22 -11.88
CA GLY A 225 20.31 3.84 -11.52
C GLY A 225 19.63 3.24 -10.28
N THR A 226 19.19 4.11 -9.35
CA THR A 226 18.44 3.68 -8.17
C THR A 226 17.24 4.61 -7.96
N VAL A 227 16.18 4.11 -7.32
CA VAL A 227 15.15 4.98 -6.77
C VAL A 227 15.61 5.39 -5.37
N THR A 228 15.98 6.66 -5.17
CA THR A 228 16.59 7.08 -3.91
C THR A 228 15.58 6.98 -2.79
N VAL A 229 16.06 6.89 -1.56
CA VAL A 229 15.15 6.73 -0.44
C VAL A 229 14.17 7.91 -0.26
N PRO A 230 14.64 9.15 -0.52
CA PRO A 230 13.61 10.18 -0.35
C PRO A 230 12.46 10.08 -1.36
N MET A 231 12.77 9.78 -2.60
CA MET A 231 11.66 9.41 -3.47
C MET A 231 10.81 8.28 -2.85
N LEU A 232 11.38 7.18 -2.33
CA LEU A 232 10.48 6.13 -1.78
C LEU A 232 9.60 6.64 -0.61
N LEU A 233 10.15 7.48 0.27
CA LEU A 233 9.35 8.09 1.33
C LEU A 233 8.19 8.85 0.70
N VAL A 234 8.51 9.90 -0.06
CA VAL A 234 7.51 10.75 -0.70
C VAL A 234 6.47 9.93 -1.50
N VAL A 235 6.92 9.09 -2.42
CA VAL A 235 6.00 8.35 -3.30
C VAL A 235 5.11 7.36 -2.51
N GLY A 236 5.69 6.70 -1.51
CA GLY A 236 4.93 5.76 -0.72
C GLY A 236 3.94 6.45 0.19
N PHE A 237 4.40 7.52 0.85
CA PHE A 237 3.62 8.30 1.77
C PHE A 237 2.36 8.89 1.13
N GLN A 238 2.55 9.54 -0.02
CA GLN A 238 1.41 10.03 -0.80
C GLN A 238 0.52 8.89 -1.33
N SER A 239 1.13 7.77 -1.73
CA SER A 239 0.34 6.63 -2.13
C SER A 239 -0.61 6.23 -1.01
N PHE A 240 -0.06 6.06 0.19
CA PHE A 240 -0.83 5.56 1.32
C PHE A 240 -1.87 6.56 1.77
N TYR A 241 -1.51 7.84 1.70
CA TYR A 241 -2.49 8.87 1.98
C TYR A 241 -3.65 8.73 1.00
N LEU A 242 -3.36 8.55 -0.28
CA LEU A 242 -4.44 8.43 -1.24
C LEU A 242 -5.27 7.18 -0.97
N ILE A 243 -4.61 6.07 -0.68
CA ILE A 243 -5.30 4.80 -0.44
C ILE A 243 -6.24 4.99 0.73
N ASP A 244 -5.73 5.67 1.76
CA ASP A 244 -6.51 6.01 2.92
C ASP A 244 -7.72 6.85 2.50
N TYR A 245 -7.50 7.84 1.64
CA TYR A 245 -8.58 8.70 1.11
C TYR A 245 -9.72 7.87 0.51
N PHE A 246 -9.38 6.88 -0.31
CA PHE A 246 -10.42 6.09 -0.96
C PHE A 246 -11.12 5.11 -0.03
N ILE A 247 -10.39 4.59 0.95
CA ILE A 247 -11.03 3.73 1.94
C ILE A 247 -12.11 4.55 2.67
N HIS A 248 -11.93 5.87 2.69
CA HIS A 248 -12.89 6.79 3.30
C HIS A 248 -13.48 7.70 2.23
N GLU A 249 -13.90 7.09 1.13
CA GLU A 249 -14.42 7.83 -0.01
C GLU A 249 -15.74 8.49 0.38
N GLU A 250 -16.53 7.76 1.17
CA GLU A 250 -17.81 8.25 1.67
C GLU A 250 -17.70 9.54 2.49
N ALA A 251 -16.63 9.65 3.27
CA ALA A 251 -16.47 10.76 4.21
C ALA A 251 -16.51 12.12 3.52
N VAL A 252 -15.91 12.22 2.33
CA VAL A 252 -15.87 13.52 1.63
C VAL A 252 -17.23 13.97 1.13
N LEU A 253 -18.29 13.21 1.44
CA LEU A 253 -19.64 13.67 1.13
C LEU A 253 -20.17 14.69 2.14
N THR A 254 -19.36 15.02 3.15
CA THR A 254 -19.79 15.97 4.18
C THR A 254 -18.99 17.28 4.18
N THR A 255 -17.98 17.37 3.31
CA THR A 255 -17.05 18.52 3.25
C THR A 255 -17.61 19.76 2.57
N TRP A 256 -17.04 20.91 2.90
CA TRP A 256 -17.49 22.23 2.40
C TRP A 256 -17.59 22.28 0.87
N ASP A 257 -16.57 21.74 0.18
CA ASP A 257 -16.55 21.68 -1.28
C ASP A 257 -17.82 21.04 -1.82
N ILE A 258 -18.23 19.96 -1.18
CA ILE A 258 -19.36 19.15 -1.60
C ILE A 258 -20.68 19.67 -1.06
N LYS A 259 -20.71 19.95 0.24
CA LYS A 259 -21.96 20.34 0.90
C LYS A 259 -22.37 21.74 0.47
N HIS A 260 -21.44 22.68 0.52
CA HIS A 260 -21.80 24.08 0.37
C HIS A 260 -21.33 24.80 -0.92
N GLU A 261 -20.02 24.84 -1.20
CA GLU A 261 -19.57 25.71 -2.30
C GLU A 261 -19.96 25.16 -3.68
N LYS A 262 -20.58 26.01 -4.50
CA LYS A 262 -21.08 25.58 -5.81
C LYS A 262 -20.07 25.62 -6.94
N PHE A 263 -19.10 24.70 -6.92
CA PHE A 263 -18.22 24.47 -8.07
C PHE A 263 -17.46 25.72 -8.56
N GLY A 264 -17.51 25.98 -9.87
CA GLY A 264 -16.82 27.10 -10.49
C GLY A 264 -15.41 26.79 -10.96
N TRP A 265 -14.79 27.77 -11.62
CA TRP A 265 -13.45 27.63 -12.16
C TRP A 265 -12.41 27.38 -11.08
N MET A 266 -12.51 28.06 -9.95
CA MET A 266 -11.50 27.88 -8.92
C MET A 266 -11.58 26.45 -8.39
N LEU A 267 -12.79 25.91 -8.24
CA LEU A 267 -12.95 24.54 -7.73
C LEU A 267 -12.44 23.51 -8.74
N CYS A 268 -12.91 23.64 -9.98
CA CYS A 268 -12.57 22.75 -11.10
C CYS A 268 -11.07 22.77 -11.44
N TRP A 269 -10.48 23.95 -11.37
CA TRP A 269 -9.07 24.15 -11.67
C TRP A 269 -8.24 23.70 -10.48
N GLY A 270 -8.74 23.94 -9.28
CA GLY A 270 -8.06 23.41 -8.12
C GLY A 270 -8.01 21.88 -8.20
N ASP A 271 -9.07 21.29 -8.77
CA ASP A 271 -9.14 19.83 -8.93
C ASP A 271 -8.20 19.30 -10.02
N LEU A 272 -8.39 19.75 -11.26
CA LEU A 272 -7.62 19.21 -12.38
C LEU A 272 -6.15 19.67 -12.42
N VAL A 273 -5.87 20.87 -11.92
CA VAL A 273 -4.53 21.44 -12.09
C VAL A 273 -3.67 21.60 -10.81
N TRP A 274 -4.21 22.31 -9.82
CA TRP A 274 -3.40 22.69 -8.66
C TRP A 274 -2.93 21.49 -7.93
N LEU A 275 -3.86 20.55 -7.71
CA LEU A 275 -3.55 19.39 -6.90
C LEU A 275 -2.49 18.50 -7.53
N PRO A 276 -2.69 18.04 -8.78
CA PRO A 276 -1.62 17.14 -9.25
C PRO A 276 -0.26 17.87 -9.45
N PHE A 277 -0.29 19.01 -10.14
CA PHE A 277 0.93 19.70 -10.55
C PHE A 277 1.60 20.50 -9.44
N THR A 278 1.02 20.56 -8.24
CA THR A 278 1.82 21.08 -7.11
C THR A 278 2.09 20.03 -6.04
N TYR A 279 1.14 19.11 -5.84
CA TYR A 279 1.40 18.00 -4.90
C TYR A 279 2.57 17.13 -5.38
N THR A 280 2.82 17.07 -6.69
CA THR A 280 3.95 16.25 -7.18
C THR A 280 5.30 16.93 -7.12
N LEU A 281 5.37 18.10 -6.47
CA LEU A 281 6.59 18.89 -6.54
C LEU A 281 7.74 18.20 -5.87
N GLN A 282 7.48 17.55 -4.73
CA GLN A 282 8.56 16.84 -4.03
C GLN A 282 9.25 15.84 -4.97
N ALA A 283 8.46 14.95 -5.58
CA ALA A 283 9.01 13.95 -6.51
C ALA A 283 9.65 14.61 -7.73
N GLN A 284 9.01 15.66 -8.24
CA GLN A 284 9.63 16.42 -9.32
C GLN A 284 11.05 16.81 -8.94
N TYR A 285 11.16 17.56 -7.85
CA TYR A 285 12.44 17.97 -7.31
C TYR A 285 13.38 16.78 -7.23
N LEU A 286 12.91 15.72 -6.57
CA LEU A 286 13.80 14.59 -6.32
C LEU A 286 14.33 13.94 -7.62
N VAL A 287 13.56 14.03 -8.71
CA VAL A 287 13.90 13.38 -9.98
C VAL A 287 15.35 13.69 -10.35
N HIS A 288 15.83 14.89 -10.02
CA HIS A 288 17.22 15.23 -10.28
C HIS A 288 17.93 15.67 -8.99
N HIS A 289 17.47 15.10 -7.86
CA HIS A 289 18.12 15.28 -6.57
C HIS A 289 18.19 13.93 -5.87
N THR A 290 19.34 13.30 -6.09
CA THR A 290 19.59 11.93 -5.68
C THR A 290 20.44 11.91 -4.41
N HIS A 291 19.99 12.63 -3.38
CA HIS A 291 20.65 12.58 -2.09
C HIS A 291 19.92 11.55 -1.23
N ASP A 292 20.63 10.96 -0.27
CA ASP A 292 19.99 10.09 0.71
C ASP A 292 19.91 10.87 2.01
N LEU A 293 19.14 10.38 2.99
CA LEU A 293 19.05 11.00 4.31
C LEU A 293 19.71 10.11 5.37
N PRO A 294 20.22 10.70 6.47
CA PRO A 294 20.78 9.87 7.55
C PRO A 294 19.64 9.14 8.28
N VAL A 295 19.88 7.92 8.77
CA VAL A 295 18.78 7.11 9.31
C VAL A 295 18.02 7.79 10.46
N TRP A 296 18.60 8.79 11.12
CA TRP A 296 17.82 9.49 12.13
C TRP A 296 16.75 10.34 11.44
N GLY A 297 17.08 10.91 10.30
CA GLY A 297 16.11 11.67 9.53
C GLY A 297 15.03 10.73 9.02
N ILE A 298 15.44 9.51 8.67
CA ILE A 298 14.48 8.51 8.25
C ILE A 298 13.51 8.20 9.38
N ILE A 299 14.06 8.00 10.56
CA ILE A 299 13.26 7.61 11.70
C ILE A 299 12.30 8.74 12.10
N ALA A 300 12.81 9.97 12.14
CA ALA A 300 11.99 11.12 12.54
C ALA A 300 10.94 11.42 11.48
N ILE A 301 11.28 11.29 10.20
CA ILE A 301 10.29 11.57 9.16
C ILE A 301 9.18 10.52 9.20
N VAL A 302 9.52 9.25 9.11
CA VAL A 302 8.49 8.23 9.24
C VAL A 302 7.64 8.37 10.55
N ALA A 303 8.30 8.54 11.70
CA ALA A 303 7.57 8.72 12.96
C ALA A 303 6.64 9.90 12.86
N LEU A 304 7.10 10.94 12.19
CA LEU A 304 6.28 12.14 12.04
C LEU A 304 5.03 11.73 11.28
N ASN A 305 5.23 11.07 10.14
CA ASN A 305 4.12 10.63 9.31
C ASN A 305 3.14 9.72 10.06
N LEU A 306 3.65 8.76 10.83
CA LEU A 306 2.75 7.85 11.50
C LEU A 306 2.09 8.50 12.73
N ALA A 307 2.76 9.44 13.36
CA ALA A 307 2.15 10.12 14.50
C ALA A 307 0.99 10.92 13.92
N GLY A 308 1.26 11.54 12.78
CA GLY A 308 0.29 12.33 12.03
C GLY A 308 -0.90 11.52 11.57
N TYR A 309 -0.66 10.28 11.23
CA TYR A 309 -1.76 9.44 10.81
C TYR A 309 -2.53 8.95 12.04
N ALA A 310 -1.82 8.72 13.14
CA ALA A 310 -2.49 8.29 14.37
C ALA A 310 -3.45 9.37 14.80
N ILE A 311 -3.03 10.62 14.65
CA ILE A 311 -3.85 11.74 15.09
C ILE A 311 -4.97 12.09 14.10
N PHE A 312 -4.62 12.22 12.83
CA PHE A 312 -5.63 12.48 11.80
C PHE A 312 -6.72 11.40 11.71
N ARG A 313 -6.34 10.14 11.61
CA ARG A 313 -7.33 9.08 11.46
C ARG A 313 -7.91 8.70 12.83
N GLY A 314 -7.05 8.79 13.84
CA GLY A 314 -7.49 8.54 15.21
C GLY A 314 -8.66 9.40 15.63
N ALA A 315 -8.49 10.72 15.55
CA ALA A 315 -9.56 11.62 15.94
C ALA A 315 -10.89 11.28 15.26
N ASN A 316 -10.89 11.11 13.93
CA ASN A 316 -12.12 10.85 13.18
C ASN A 316 -12.79 9.55 13.61
N ILE A 317 -12.03 8.47 13.64
CA ILE A 317 -12.59 7.23 14.12
C ILE A 317 -13.20 7.43 15.51
N GLN A 318 -12.48 8.12 16.40
CA GLN A 318 -12.92 8.34 17.81
C GLN A 318 -14.23 9.09 17.94
N LYS A 319 -14.35 10.17 17.16
CA LYS A 319 -15.60 10.90 17.03
C LYS A 319 -16.70 9.95 16.66
N HIS A 320 -16.51 9.21 15.56
CA HIS A 320 -17.52 8.26 15.10
C HIS A 320 -17.89 7.18 16.14
N HIS A 321 -16.92 6.37 16.57
CA HIS A 321 -17.14 5.28 17.52
C HIS A 321 -17.72 5.77 18.84
N PHE A 322 -17.48 7.02 19.18
CA PHE A 322 -18.19 7.61 20.30
C PHE A 322 -19.63 7.94 19.90
N ARG A 323 -19.81 8.59 18.76
CA ARG A 323 -21.13 9.06 18.36
C ARG A 323 -22.06 7.96 17.88
N ARG A 324 -21.59 6.71 17.88
CA ARG A 324 -22.51 5.59 17.63
C ARG A 324 -22.77 4.82 18.92
N ASP A 325 -22.08 5.19 19.99
CA ASP A 325 -22.26 4.61 21.33
C ASP A 325 -21.59 5.49 22.38
N PRO A 326 -22.26 6.59 22.77
CA PRO A 326 -21.74 7.52 23.77
C PRO A 326 -21.26 6.84 25.04
N ASN A 327 -21.98 5.82 25.49
CA ASN A 327 -21.67 5.15 26.74
C ASN A 327 -20.29 4.50 26.74
N ARG A 328 -19.84 4.06 25.57
CA ARG A 328 -18.54 3.41 25.40
C ARG A 328 -17.39 4.23 25.97
N ILE A 329 -16.36 3.54 26.41
CA ILE A 329 -15.16 4.19 26.93
C ILE A 329 -14.45 4.93 25.80
N VAL A 330 -13.76 6.00 26.17
CA VAL A 330 -12.89 6.68 25.23
C VAL A 330 -11.65 7.07 26.02
N TRP A 331 -10.54 6.40 25.70
CA TRP A 331 -9.30 6.47 26.46
C TRP A 331 -9.48 6.06 27.93
N GLY A 332 -10.01 4.86 28.13
CA GLY A 332 -10.35 4.36 29.45
C GLY A 332 -11.57 5.00 30.10
N LYS A 333 -11.53 6.30 30.28
CA LYS A 333 -12.57 7.01 31.02
C LYS A 333 -13.93 6.98 30.34
N PRO A 334 -15.00 7.03 31.09
CA PRO A 334 -16.30 7.07 30.43
C PRO A 334 -16.32 8.36 29.64
N ALA A 335 -16.99 8.36 28.52
CA ALA A 335 -16.94 9.49 27.62
C ALA A 335 -17.58 10.75 28.21
N LYS A 336 -16.91 11.89 28.03
CA LYS A 336 -17.47 13.15 28.46
C LYS A 336 -17.97 13.86 27.22
N TYR A 337 -19.25 14.12 27.17
CA TYR A 337 -19.82 14.78 26.03
C TYR A 337 -20.69 15.92 26.49
N ILE A 338 -20.99 16.80 25.55
CA ILE A 338 -21.97 17.85 25.77
C ILE A 338 -23.19 17.51 24.90
N LYS A 339 -24.34 17.42 25.53
CA LYS A 339 -25.57 17.08 24.82
C LYS A 339 -26.18 18.36 24.29
N THR A 340 -25.87 18.67 23.04
CA THR A 340 -26.35 19.93 22.48
C THR A 340 -27.85 19.88 22.32
N LYS A 341 -28.49 20.99 22.66
CA LYS A 341 -29.93 21.15 22.54
C LYS A 341 -30.44 20.71 21.17
N GLN A 342 -29.71 21.05 20.12
CA GLN A 342 -30.11 20.62 18.79
C GLN A 342 -29.56 19.24 18.46
N GLY A 343 -30.02 18.28 19.26
CA GLY A 343 -29.87 16.85 19.03
C GLY A 343 -28.58 16.33 18.45
N SER A 344 -27.46 16.66 19.10
CA SER A 344 -26.17 16.15 18.68
C SER A 344 -25.28 16.09 19.89
N LEU A 345 -24.24 15.27 19.83
CA LEU A 345 -23.33 15.14 20.96
C LEU A 345 -21.95 15.63 20.58
N LEU A 346 -21.32 16.32 21.53
CA LEU A 346 -19.99 16.87 21.28
C LEU A 346 -19.03 16.18 22.24
N LEU A 347 -18.11 15.37 21.72
CA LEU A 347 -17.14 14.72 22.59
C LEU A 347 -16.21 15.73 23.23
N THR A 348 -16.08 15.69 24.55
CA THR A 348 -15.15 16.59 25.23
C THR A 348 -14.00 15.79 25.84
N SER A 349 -13.60 14.73 25.13
CA SER A 349 -12.58 13.82 25.63
C SER A 349 -11.86 13.08 24.52
N GLY A 350 -10.67 12.57 24.80
CA GLY A 350 -9.86 12.00 23.73
C GLY A 350 -9.27 13.18 23.00
N TRP A 351 -9.00 13.03 21.71
CA TRP A 351 -8.39 14.11 20.92
C TRP A 351 -9.27 15.36 20.97
N TRP A 352 -10.58 15.17 20.94
CA TRP A 352 -11.50 16.29 20.94
C TRP A 352 -11.52 17.03 22.29
N GLY A 353 -10.91 16.42 23.30
CA GLY A 353 -10.80 17.05 24.60
C GLY A 353 -9.52 17.83 24.67
N ILE A 354 -8.56 17.46 23.83
CA ILE A 354 -7.24 18.07 23.87
C ILE A 354 -7.21 19.39 23.12
N ALA A 355 -7.85 19.41 21.95
CA ALA A 355 -8.03 20.63 21.18
C ALA A 355 -9.21 20.42 20.26
N ARG A 356 -9.84 21.50 19.85
CA ARG A 356 -11.00 21.37 18.98
C ARG A 356 -10.62 20.79 17.59
N HIS A 357 -9.37 20.94 17.18
CA HIS A 357 -8.98 20.35 15.91
C HIS A 357 -7.61 19.69 15.93
N MET A 358 -7.56 18.55 16.62
CA MET A 358 -6.37 17.72 16.62
C MET A 358 -6.17 17.15 15.25
N ASN A 359 -7.26 16.71 14.61
CA ASN A 359 -7.20 16.15 13.26
C ASN A 359 -6.48 17.03 12.21
N TYR A 360 -6.79 18.31 12.19
CA TYR A 360 -6.11 19.23 11.29
C TYR A 360 -4.63 19.16 11.56
N PHE A 361 -4.28 19.18 12.84
CA PHE A 361 -2.88 19.04 13.25
C PHE A 361 -2.26 17.76 12.72
N GLY A 362 -3.01 16.66 12.83
CA GLY A 362 -2.64 15.38 12.22
C GLY A 362 -2.26 15.52 10.75
N ASP A 363 -3.15 16.18 10.00
CA ASP A 363 -2.98 16.38 8.58
C ASP A 363 -1.73 17.21 8.32
N LEU A 364 -1.54 18.25 9.10
CA LEU A 364 -0.37 19.12 8.92
C LEU A 364 0.97 18.36 9.18
N MET A 365 0.98 17.51 10.21
CA MET A 365 2.16 16.66 10.49
C MET A 365 2.45 15.80 9.29
N ILE A 366 1.38 15.25 8.74
CA ILE A 366 1.47 14.45 7.52
C ILE A 366 2.07 15.23 6.36
N ALA A 367 1.59 16.47 6.15
CA ALA A 367 2.15 17.33 5.11
C ALA A 367 3.67 17.49 5.27
N LEU A 368 4.07 18.01 6.44
CA LEU A 368 5.49 18.21 6.78
C LEU A 368 6.31 16.90 6.56
N SER A 369 5.68 15.77 6.83
CA SER A 369 6.36 14.51 6.62
C SER A 369 6.53 14.18 5.12
N TRP A 370 5.66 14.68 4.25
CA TRP A 370 6.00 14.58 2.82
C TRP A 370 7.15 15.49 2.45
N CYS A 371 7.16 16.70 2.97
CA CYS A 371 8.18 17.64 2.47
C CYS A 371 9.60 17.39 2.99
N LEU A 372 9.75 16.89 4.21
CA LEU A 372 11.09 16.72 4.77
C LEU A 372 12.09 15.75 4.08
N PRO A 373 11.63 14.75 3.29
CA PRO A 373 12.64 14.01 2.55
C PRO A 373 13.47 14.91 1.65
N ALA A 374 12.85 15.96 1.12
CA ALA A 374 13.52 16.79 0.13
C ALA A 374 14.72 17.50 0.71
N ALA A 375 14.82 17.47 2.04
CA ALA A 375 15.92 18.12 2.79
C ALA A 375 15.90 19.63 2.60
N PHE A 376 17.07 20.26 2.61
CA PHE A 376 17.11 21.73 2.69
C PHE A 376 17.91 22.44 1.57
N GLY A 377 17.94 21.82 0.40
CA GLY A 377 18.52 22.46 -0.78
C GLY A 377 17.67 23.64 -1.25
N SER A 378 16.36 23.47 -1.22
CA SER A 378 15.44 24.42 -1.84
C SER A 378 14.14 24.69 -1.09
N PRO A 379 13.70 25.95 -1.11
CA PRO A 379 12.42 26.36 -0.52
C PRO A 379 11.22 25.71 -1.20
N ILE A 380 11.31 25.41 -2.50
CA ILE A 380 10.14 24.94 -3.25
C ILE A 380 9.35 23.74 -2.65
N PRO A 381 10.03 22.62 -2.34
CA PRO A 381 9.25 21.49 -1.79
C PRO A 381 8.42 21.87 -0.57
N TYR A 382 8.89 22.84 0.23
CA TYR A 382 8.20 23.27 1.46
C TYR A 382 7.12 24.32 1.26
N PHE A 383 6.71 24.58 0.03
CA PHE A 383 5.72 25.64 -0.14
C PHE A 383 4.35 25.03 -0.01
N HIS A 384 4.35 23.74 0.26
CA HIS A 384 3.12 23.06 0.55
C HIS A 384 2.68 23.30 1.99
N ILE A 385 3.53 22.96 2.97
CA ILE A 385 3.23 23.23 4.38
C ILE A 385 2.87 24.69 4.66
N VAL A 386 3.46 25.62 3.90
CA VAL A 386 3.04 27.00 4.05
C VAL A 386 1.60 27.03 3.59
N TYR A 387 1.38 26.64 2.34
CA TYR A 387 0.04 26.62 1.77
C TYR A 387 -0.96 25.84 2.62
N PHE A 388 -0.67 24.57 2.88
CA PHE A 388 -1.60 23.78 3.69
C PHE A 388 -1.92 24.53 4.99
N THR A 389 -0.89 25.07 5.64
CA THR A 389 -1.12 25.75 6.93
C THR A 389 -2.20 26.81 6.75
N ILE A 390 -1.99 27.72 5.80
CA ILE A 390 -2.97 28.78 5.55
C ILE A 390 -4.34 28.14 5.32
N LEU A 391 -4.39 27.13 4.43
CA LEU A 391 -5.64 26.44 4.14
C LEU A 391 -6.30 26.00 5.43
N LEU A 392 -5.58 25.20 6.24
CA LEU A 392 -6.16 24.67 7.47
C LEU A 392 -6.66 25.82 8.33
N LEU A 393 -5.88 26.91 8.41
CA LEU A 393 -6.28 28.04 9.23
C LEU A 393 -7.66 28.52 8.78
N HIS A 394 -7.79 28.81 7.47
CA HIS A 394 -9.07 29.23 6.89
C HIS A 394 -10.16 28.21 7.23
N ARG A 395 -9.88 26.92 6.97
CA ARG A 395 -10.89 25.88 7.17
C ARG A 395 -11.36 25.91 8.60
N GLU A 396 -10.40 25.97 9.54
CA GLU A 396 -10.75 25.98 10.96
C GLU A 396 -11.73 27.11 11.20
N LYS A 397 -11.38 28.33 10.76
CA LYS A 397 -12.22 29.47 11.11
C LYS A 397 -13.62 29.14 10.60
N ARG A 398 -13.70 28.61 9.37
CA ARG A 398 -15.01 28.44 8.79
C ARG A 398 -15.81 27.47 9.64
N ASP A 399 -15.22 26.32 9.94
CA ASP A 399 -15.90 25.29 10.70
C ASP A 399 -16.35 25.83 12.04
N ASP A 400 -15.47 26.59 12.69
CA ASP A 400 -15.84 27.18 13.96
C ASP A 400 -17.15 27.95 13.79
N ALA A 401 -17.17 28.92 12.87
CA ALA A 401 -18.36 29.72 12.62
C ALA A 401 -19.57 28.83 12.40
N MET A 402 -19.40 27.79 11.60
CA MET A 402 -20.54 26.95 11.23
C MET A 402 -21.18 26.35 12.48
N CYS A 403 -20.34 25.82 13.36
CA CYS A 403 -20.86 25.14 14.54
C CYS A 403 -21.34 26.10 15.60
N LEU A 404 -21.05 27.39 15.43
CA LEU A 404 -21.69 28.36 16.31
C LEU A 404 -23.07 28.64 15.76
N ALA A 405 -23.19 28.73 14.43
CA ALA A 405 -24.49 28.96 13.82
C ALA A 405 -25.44 27.81 14.16
N LYS A 406 -24.88 26.62 14.35
CA LYS A 406 -25.66 25.42 14.59
C LYS A 406 -25.87 25.08 16.08
N TYR A 407 -24.82 25.18 16.89
CA TYR A 407 -24.87 24.71 18.29
C TYR A 407 -25.03 25.81 19.33
N GLY A 408 -24.96 27.06 18.90
CA GLY A 408 -25.13 28.21 19.77
C GLY A 408 -24.40 28.08 21.09
N GLU A 409 -25.13 28.25 22.19
CA GLU A 409 -24.56 28.22 23.53
C GLU A 409 -23.79 26.94 23.84
N ASP A 410 -24.28 25.80 23.34
CA ASP A 410 -23.61 24.54 23.62
C ASP A 410 -22.20 24.58 23.02
N TRP A 411 -22.08 25.10 21.79
CA TRP A 411 -20.76 25.32 21.21
C TRP A 411 -19.92 26.22 22.08
N LEU A 412 -20.51 27.30 22.58
CA LEU A 412 -19.76 28.22 23.40
C LEU A 412 -19.30 27.47 24.65
N GLN A 413 -20.19 26.65 25.21
CA GLN A 413 -19.86 25.86 26.39
C GLN A 413 -18.67 24.99 26.02
N TYR A 414 -18.73 24.40 24.82
CA TYR A 414 -17.64 23.59 24.30
C TYR A 414 -16.35 24.37 24.13
N ARG A 415 -16.45 25.58 23.58
CA ARG A 415 -15.26 26.36 23.40
C ARG A 415 -14.70 26.71 24.77
N LYS A 416 -15.57 26.68 25.80
CA LYS A 416 -15.14 26.92 27.19
C LYS A 416 -14.35 25.70 27.68
N LYS A 417 -14.82 24.52 27.30
CA LYS A 417 -14.16 23.29 27.74
C LYS A 417 -12.82 23.10 27.00
N VAL A 418 -12.86 23.25 25.68
CA VAL A 418 -11.70 22.95 24.83
C VAL A 418 -11.29 24.16 24.00
N PRO A 419 -10.50 25.06 24.60
CA PRO A 419 -10.15 26.37 24.03
C PRO A 419 -9.28 26.34 22.78
N TRP A 420 -8.31 25.42 22.69
CA TRP A 420 -7.30 25.39 21.63
C TRP A 420 -7.84 24.87 20.31
N ARG A 421 -7.71 25.71 19.29
CA ARG A 421 -8.29 25.43 17.99
C ARG A 421 -7.64 24.20 17.36
N ILE A 422 -6.31 24.18 17.27
CA ILE A 422 -5.58 23.10 16.60
C ILE A 422 -4.45 22.50 17.43
N VAL A 423 -3.52 23.34 17.89
CA VAL A 423 -2.14 22.94 18.23
C VAL A 423 -1.85 21.87 19.34
N PRO A 424 -2.42 21.97 20.53
CA PRO A 424 -3.19 23.14 20.97
C PRO A 424 -2.52 24.02 22.03
N LYS A 425 -1.35 23.71 22.59
CA LYS A 425 -0.82 24.70 23.57
C LYS A 425 -0.45 26.08 23.00
N ILE A 426 -0.28 26.14 21.67
CA ILE A 426 0.19 27.34 20.99
C ILE A 426 -0.99 28.10 20.37
N TYR A 427 -1.81 27.38 19.60
CA TYR A 427 -2.92 27.98 18.87
C TYR A 427 -4.00 26.92 18.64
N SER B 24 9.29 -42.37 8.55
CA SER B 24 9.63 -42.22 7.14
C SER B 24 9.15 -40.89 6.60
N TRP B 25 8.75 -40.90 5.35
CA TRP B 25 8.27 -39.72 4.64
C TRP B 25 6.74 -39.73 4.54
N LEU B 26 6.18 -40.94 4.48
CA LEU B 26 4.73 -41.14 4.39
C LEU B 26 4.07 -40.76 5.71
N VAL B 27 4.76 -41.02 6.80
CA VAL B 27 4.28 -40.60 8.11
C VAL B 27 4.29 -39.08 8.18
N LEU B 28 5.25 -38.46 7.51
CA LEU B 28 5.28 -37.01 7.47
C LEU B 28 4.08 -36.48 6.69
N MET B 29 3.77 -37.17 5.59
CA MET B 29 2.61 -36.82 4.77
C MET B 29 1.30 -36.89 5.55
N ILE B 30 1.10 -37.96 6.30
CA ILE B 30 -0.12 -38.06 7.08
C ILE B 30 -0.13 -37.15 8.31
N ALA B 31 1.06 -36.75 8.78
CA ALA B 31 1.10 -35.98 10.02
C ALA B 31 0.86 -34.50 9.81
N LEU B 32 1.36 -33.95 8.69
CA LEU B 32 1.27 -32.49 8.50
C LEU B 32 -0.14 -31.90 8.48
N PRO B 33 -1.03 -32.38 7.59
CA PRO B 33 -2.39 -31.78 7.58
C PRO B 33 -3.11 -31.71 8.95
N PRO B 34 -3.02 -32.77 9.79
CA PRO B 34 -3.59 -32.58 11.15
C PRO B 34 -3.04 -31.34 11.83
N LEU B 35 -1.73 -31.18 11.79
CA LEU B 35 -1.07 -30.06 12.44
C LEU B 35 -1.61 -28.71 11.97
N VAL B 36 -2.02 -28.61 10.70
CA VAL B 36 -2.64 -27.36 10.25
C VAL B 36 -4.06 -27.22 10.81
N TYR B 37 -4.83 -28.30 10.66
CA TYR B 37 -6.14 -28.41 11.25
C TYR B 37 -6.06 -28.10 12.71
N TYR B 38 -5.06 -28.70 13.35
CA TYR B 38 -4.90 -28.56 14.78
C TYR B 38 -4.83 -27.11 15.15
N LEU B 39 -3.97 -26.37 14.46
CA LEU B 39 -3.81 -24.95 14.80
C LEU B 39 -5.10 -24.17 14.56
N TRP B 40 -5.78 -24.45 13.44
CA TRP B 40 -7.09 -23.83 13.11
C TRP B 40 -8.18 -24.11 14.14
N ILE B 41 -8.39 -25.39 14.42
CA ILE B 41 -9.35 -25.80 15.44
C ILE B 41 -8.99 -25.03 16.72
N CYS B 42 -7.74 -25.17 17.17
CA CYS B 42 -7.22 -24.43 18.34
C CYS B 42 -7.53 -22.95 18.40
N VAL B 43 -7.07 -22.23 17.37
CA VAL B 43 -7.22 -20.79 17.32
C VAL B 43 -8.69 -20.42 17.22
N THR B 44 -9.43 -21.12 16.38
CA THR B 44 -10.81 -20.71 16.12
C THR B 44 -11.73 -21.05 17.30
N TYR B 45 -11.80 -22.33 17.64
CA TYR B 45 -12.83 -22.78 18.55
C TYR B 45 -12.43 -22.78 20.00
N TYR B 46 -11.21 -23.23 20.28
CA TYR B 46 -10.71 -23.20 21.65
C TYR B 46 -9.95 -21.90 22.00
N GLN B 47 -10.34 -20.79 21.37
CA GLN B 47 -9.89 -19.44 21.74
C GLN B 47 -8.38 -19.24 21.71
N GLY B 48 -7.70 -19.91 20.79
CA GLY B 48 -6.25 -19.80 20.64
C GLY B 48 -5.35 -20.35 21.75
N GLU B 49 -5.88 -21.18 22.66
CA GLU B 49 -5.02 -21.81 23.67
C GLU B 49 -4.44 -23.11 23.11
N LEU B 50 -3.27 -23.53 23.59
CA LEU B 50 -2.71 -24.84 23.21
C LEU B 50 -3.44 -26.00 23.90
N VAL B 51 -4.45 -26.56 23.23
CA VAL B 51 -5.21 -27.69 23.77
C VAL B 51 -4.33 -28.95 23.93
N PHE B 52 -4.31 -29.51 25.14
CA PHE B 52 -3.86 -30.90 25.32
C PHE B 52 -4.47 -31.58 26.55
N THR B 53 -5.17 -32.69 26.32
CA THR B 53 -5.76 -33.44 27.40
C THR B 53 -5.37 -34.89 27.30
N SER B 54 -5.79 -35.66 28.28
CA SER B 54 -5.70 -37.10 28.27
C SER B 54 -7.12 -37.63 28.06
N ASP B 55 -8.06 -36.70 27.92
CA ASP B 55 -9.49 -36.96 28.07
C ASP B 55 -10.20 -37.74 26.94
N ALA B 56 -9.51 -38.01 25.85
CA ALA B 56 -10.10 -38.87 24.82
C ALA B 56 -11.29 -38.17 24.18
N ALA B 57 -12.29 -37.87 25.02
CA ALA B 57 -13.51 -37.20 24.61
C ALA B 57 -13.22 -35.81 24.08
N ALA B 58 -12.29 -35.12 24.73
CA ALA B 58 -11.85 -33.82 24.29
C ALA B 58 -11.25 -34.02 22.91
N TRP B 59 -10.56 -35.10 22.73
CA TRP B 59 -10.05 -35.33 21.43
C TRP B 59 -11.16 -35.53 20.43
N ARG B 60 -12.20 -36.27 20.76
CA ARG B 60 -13.28 -36.42 19.79
C ARG B 60 -13.96 -35.04 19.66
N ARG B 61 -14.12 -34.34 20.78
CA ARG B 61 -14.65 -32.97 20.79
C ARG B 61 -13.74 -32.00 20.04
N PHE B 62 -12.43 -32.17 20.20
CA PHE B 62 -11.47 -31.32 19.51
C PHE B 62 -11.53 -31.49 17.99
N TRP B 63 -11.40 -32.75 17.57
CA TRP B 63 -11.24 -33.12 16.16
C TRP B 63 -12.53 -33.19 15.37
N SER B 64 -13.69 -33.12 16.03
CA SER B 64 -14.93 -33.04 15.27
C SER B 64 -14.98 -31.71 14.50
N HIS B 65 -14.22 -30.72 14.97
CA HIS B 65 -14.21 -29.41 14.33
C HIS B 65 -13.57 -29.43 12.92
N VAL B 66 -12.99 -30.57 12.53
CA VAL B 66 -12.53 -30.79 11.16
C VAL B 66 -13.75 -30.81 10.24
N ALA B 67 -13.74 -30.00 9.20
CA ALA B 67 -14.91 -29.84 8.33
C ALA B 67 -14.90 -30.81 7.16
N PRO B 68 -16.06 -31.43 6.87
CA PRO B 68 -16.17 -32.23 5.66
C PRO B 68 -16.07 -31.32 4.45
N PRO B 69 -15.58 -31.83 3.32
CA PRO B 69 -15.31 -30.93 2.19
C PRO B 69 -16.59 -30.60 1.43
N THR B 70 -17.01 -29.33 1.47
CA THR B 70 -18.28 -28.95 0.86
C THR B 70 -18.10 -28.53 -0.58
N TRP B 71 -19.10 -28.89 -1.37
CA TRP B 71 -19.13 -28.63 -2.79
C TRP B 71 -19.08 -27.14 -3.13
N HIS B 72 -19.61 -26.29 -2.25
CA HIS B 72 -19.54 -24.84 -2.49
C HIS B 72 -18.12 -24.34 -2.29
N ALA B 73 -17.36 -25.01 -1.41
CA ALA B 73 -15.94 -24.73 -1.23
C ALA B 73 -15.11 -25.28 -2.38
N ALA B 74 -15.44 -26.48 -2.84
CA ALA B 74 -14.74 -27.08 -3.97
C ALA B 74 -14.94 -26.20 -5.20
N GLY B 75 -16.18 -25.75 -5.39
CA GLY B 75 -16.50 -24.87 -6.51
C GLY B 75 -15.78 -23.54 -6.41
N LEU B 76 -15.88 -22.91 -5.25
CA LEU B 76 -15.26 -21.62 -5.04
C LEU B 76 -13.75 -21.70 -5.29
N TYR B 77 -13.07 -22.65 -4.65
CA TYR B 77 -11.62 -22.79 -4.82
C TYR B 77 -11.26 -23.03 -6.25
N ALA B 78 -11.94 -23.99 -6.89
CA ALA B 78 -11.65 -24.28 -8.30
C ALA B 78 -11.77 -23.00 -9.13
N ALA B 79 -12.80 -22.21 -8.83
CA ALA B 79 -13.02 -20.92 -9.49
C ALA B 79 -11.83 -19.99 -9.30
N TRP B 80 -11.33 -19.90 -8.07
CA TRP B 80 -10.18 -19.06 -7.73
C TRP B 80 -8.86 -19.48 -8.35
N PHE B 81 -8.49 -20.74 -8.13
CA PHE B 81 -7.30 -21.37 -8.67
C PHE B 81 -7.26 -21.26 -10.19
N LEU B 82 -8.39 -21.51 -10.85
CA LEU B 82 -8.46 -21.30 -12.30
C LEU B 82 -8.47 -19.82 -12.71
N GLY B 83 -8.96 -18.95 -11.84
CA GLY B 83 -8.90 -17.52 -12.10
C GLY B 83 -7.46 -17.08 -12.18
N GLN B 84 -6.69 -17.45 -11.14
CA GLN B 84 -5.26 -17.20 -11.09
C GLN B 84 -4.45 -17.90 -12.21
N ALA B 85 -4.88 -19.09 -12.63
CA ALA B 85 -4.22 -19.76 -13.74
C ALA B 85 -4.48 -19.00 -15.04
N ALA B 86 -5.71 -18.51 -15.18
CA ALA B 86 -6.11 -17.71 -16.33
C ALA B 86 -5.22 -16.49 -16.42
N LEU B 87 -5.21 -15.73 -15.33
CA LEU B 87 -4.36 -14.55 -15.22
C LEU B 87 -2.92 -14.89 -15.52
N GLN B 88 -2.32 -15.84 -14.79
CA GLN B 88 -0.91 -16.24 -15.00
C GLN B 88 -0.57 -16.56 -16.45
N VAL B 89 -1.50 -17.19 -17.18
CA VAL B 89 -1.24 -17.56 -18.57
C VAL B 89 -1.37 -16.36 -19.51
N TRP B 90 -2.42 -15.56 -19.30
CA TRP B 90 -2.68 -14.39 -20.16
C TRP B 90 -2.32 -13.02 -19.54
N ALA B 91 -1.60 -13.03 -18.40
CA ALA B 91 -1.17 -11.79 -17.72
C ALA B 91 -0.26 -10.92 -18.56
N PRO B 92 -0.70 -9.69 -18.88
CA PRO B 92 0.08 -8.79 -19.75
C PRO B 92 1.46 -8.55 -19.14
N GLY B 93 2.53 -8.76 -19.92
CA GLY B 93 3.85 -8.58 -19.36
C GLY B 93 5.03 -9.14 -20.13
N PRO B 94 6.23 -9.06 -19.50
CA PRO B 94 7.49 -9.47 -20.14
C PRO B 94 7.71 -10.95 -20.04
N THR B 95 8.57 -11.49 -20.90
CA THR B 95 9.00 -12.87 -20.79
C THR B 95 10.45 -12.78 -20.35
N VAL B 96 10.88 -13.61 -19.42
CA VAL B 96 12.26 -13.56 -18.97
C VAL B 96 12.90 -14.93 -19.10
N GLN B 97 14.22 -14.95 -19.23
CA GLN B 97 14.92 -16.20 -19.28
C GLN B 97 15.10 -16.67 -17.85
N GLY B 98 15.00 -17.98 -17.63
CA GLY B 98 15.11 -18.53 -16.28
C GLY B 98 16.22 -19.55 -16.13
N MET B 99 17.34 -19.12 -15.53
CA MET B 99 18.34 -20.00 -14.92
C MET B 99 19.00 -21.04 -15.84
N LYS B 100 19.32 -22.21 -15.28
CA LYS B 100 19.85 -23.35 -16.03
C LYS B 100 21.09 -23.04 -16.86
N LEU B 101 22.06 -22.32 -16.30
CA LEU B 101 23.15 -21.82 -17.13
C LEU B 101 23.85 -22.99 -17.80
N PRO B 102 23.98 -24.11 -17.09
CA PRO B 102 24.63 -25.30 -17.63
C PRO B 102 23.61 -26.25 -18.28
N ASP B 103 23.92 -26.72 -19.48
CA ASP B 103 23.05 -27.64 -20.20
C ASP B 103 21.81 -26.97 -20.80
N GLY B 104 21.03 -26.29 -19.96
CA GLY B 104 19.79 -25.68 -20.41
C GLY B 104 18.67 -26.71 -20.41
N SER B 105 17.54 -26.37 -20.99
CA SER B 105 17.33 -25.09 -21.68
C SER B 105 16.99 -23.94 -20.74
N ARG B 106 17.33 -22.72 -21.16
CA ARG B 106 16.97 -21.54 -20.42
C ARG B 106 15.47 -21.35 -20.59
N LEU B 107 14.70 -21.63 -19.55
CA LEU B 107 13.25 -21.64 -19.71
C LEU B 107 12.61 -20.26 -19.80
N ASP B 108 11.62 -20.17 -20.67
CA ASP B 108 10.85 -18.95 -20.81
C ASP B 108 9.89 -18.83 -19.62
N TYR B 109 9.89 -17.64 -19.02
CA TYR B 109 9.06 -17.32 -17.87
C TYR B 109 8.37 -15.99 -18.09
N ARG B 110 7.17 -15.98 -18.66
CA ARG B 110 6.37 -14.75 -18.66
C ARG B 110 6.20 -14.40 -17.22
N MET B 111 6.42 -13.14 -16.86
CA MET B 111 6.36 -12.76 -15.46
C MET B 111 5.48 -11.56 -15.18
N ASN B 112 4.24 -11.85 -14.83
CA ASN B 112 3.33 -10.79 -14.44
C ASN B 112 2.59 -11.04 -13.14
N GLY B 113 3.27 -10.76 -12.04
CA GLY B 113 2.67 -10.84 -10.71
C GLY B 113 1.87 -9.59 -10.42
N ILE B 114 2.41 -8.45 -10.82
CA ILE B 114 1.80 -7.15 -10.53
C ILE B 114 0.40 -7.00 -11.12
N PHE B 115 0.28 -6.95 -12.46
CA PHE B 115 -1.04 -6.79 -13.10
C PHE B 115 -2.02 -7.85 -12.62
N SER B 116 -1.59 -9.10 -12.58
CA SER B 116 -2.44 -10.15 -12.03
C SER B 116 -3.00 -9.73 -10.68
N PHE B 117 -2.10 -9.46 -9.73
CA PHE B 117 -2.44 -9.04 -8.36
C PHE B 117 -3.46 -7.90 -8.29
N LEU B 118 -3.10 -6.73 -8.84
CA LEU B 118 -4.07 -5.64 -8.92
C LEU B 118 -5.40 -6.09 -9.47
N PHE B 119 -5.35 -6.80 -10.60
CA PHE B 119 -6.56 -7.25 -11.23
C PHE B 119 -7.41 -8.02 -10.21
N THR B 120 -6.84 -9.03 -9.56
CA THR B 120 -7.66 -9.86 -8.67
C THR B 120 -8.14 -9.05 -7.47
N LEU B 121 -7.46 -7.97 -7.14
CA LEU B 121 -8.03 -7.06 -6.15
C LEU B 121 -9.32 -6.43 -6.70
N ALA B 122 -9.19 -5.69 -7.80
CA ALA B 122 -10.37 -5.10 -8.45
C ALA B 122 -11.52 -6.11 -8.60
N VAL B 123 -11.19 -7.32 -9.06
CA VAL B 123 -12.18 -8.38 -9.25
C VAL B 123 -12.83 -8.89 -7.96
N VAL B 124 -12.01 -9.20 -6.96
CA VAL B 124 -12.52 -9.80 -5.74
C VAL B 124 -13.30 -8.79 -4.91
N PHE B 125 -12.73 -7.60 -4.75
CA PHE B 125 -13.39 -6.53 -4.03
C PHE B 125 -14.66 -6.16 -4.78
N GLY B 126 -14.59 -6.28 -6.12
CA GLY B 126 -15.74 -6.02 -6.96
C GLY B 126 -16.86 -7.00 -6.68
N LEU B 127 -16.51 -8.28 -6.55
CA LEU B 127 -17.51 -9.29 -6.17
C LEU B 127 -18.11 -9.00 -4.79
N VAL B 128 -17.28 -8.52 -3.87
CA VAL B 128 -17.78 -8.19 -2.54
C VAL B 128 -18.79 -7.06 -2.51
N THR B 129 -18.45 -5.91 -3.10
CA THR B 129 -19.41 -4.80 -3.16
C THR B 129 -20.64 -5.12 -4.02
N MET B 130 -20.46 -5.95 -5.06
CA MET B 130 -21.58 -6.41 -5.86
C MET B 130 -22.46 -7.41 -5.12
N GLY B 131 -22.08 -7.75 -3.88
CA GLY B 131 -22.85 -8.67 -3.05
C GLY B 131 -22.79 -10.13 -3.49
N TRP B 132 -22.24 -10.37 -4.69
CA TRP B 132 -22.03 -11.72 -5.21
C TRP B 132 -21.20 -12.61 -4.30
N LEU B 133 -20.42 -11.97 -3.44
CA LEU B 133 -19.53 -12.64 -2.49
C LEU B 133 -19.70 -11.89 -1.18
N ASP B 134 -19.33 -12.52 -0.07
CA ASP B 134 -19.49 -11.91 1.25
C ASP B 134 -18.12 -11.46 1.75
N ALA B 135 -18.03 -10.29 2.36
CA ALA B 135 -16.77 -9.84 3.01
C ALA B 135 -16.07 -10.93 3.82
N THR B 136 -16.82 -11.88 4.33
CA THR B 136 -16.29 -12.85 5.27
C THR B 136 -16.19 -14.29 4.77
N VAL B 137 -16.47 -14.53 3.48
CA VAL B 137 -16.55 -15.90 2.95
C VAL B 137 -15.34 -16.73 3.36
N LEU B 138 -14.16 -16.11 3.32
CA LEU B 138 -12.92 -16.79 3.63
C LEU B 138 -12.71 -17.12 5.12
N TYR B 139 -13.37 -16.40 6.02
CA TYR B 139 -13.39 -16.81 7.43
C TYR B 139 -14.45 -17.90 7.61
N ASP B 140 -15.64 -17.66 7.06
CA ASP B 140 -16.78 -18.56 7.18
C ASP B 140 -16.47 -19.93 6.61
N GLN B 141 -16.45 -20.04 5.29
CA GLN B 141 -16.22 -21.31 4.61
C GLN B 141 -14.75 -21.79 4.69
N LEU B 142 -13.97 -21.25 5.65
CA LEU B 142 -12.57 -21.65 5.83
C LEU B 142 -12.39 -23.16 6.09
N GLY B 143 -12.87 -23.62 7.25
CA GLY B 143 -12.79 -25.03 7.61
C GLY B 143 -12.91 -26.07 6.49
N PRO B 144 -13.91 -25.92 5.61
CA PRO B 144 -13.99 -26.79 4.43
C PRO B 144 -12.92 -26.52 3.36
N LEU B 145 -12.54 -25.26 3.15
CA LEU B 145 -11.45 -24.99 2.20
C LEU B 145 -10.25 -25.84 2.58
N LEU B 146 -9.89 -25.78 3.87
CA LEU B 146 -8.77 -26.51 4.41
C LEU B 146 -8.83 -27.98 3.99
N THR B 147 -9.98 -28.60 4.15
CA THR B 147 -10.07 -29.99 3.73
C THR B 147 -10.06 -30.06 2.21
N VAL B 148 -10.77 -29.13 1.55
CA VAL B 148 -10.86 -29.15 0.10
C VAL B 148 -9.50 -29.02 -0.57
N VAL B 149 -8.72 -28.01 -0.17
CA VAL B 149 -7.38 -27.82 -0.71
C VAL B 149 -6.48 -28.99 -0.33
N ASN B 150 -6.70 -29.55 0.86
CA ASN B 150 -5.94 -30.73 1.28
C ASN B 150 -6.18 -31.94 0.37
N ILE B 151 -7.43 -32.20 -0.02
CA ILE B 151 -7.71 -33.34 -0.91
C ILE B 151 -7.19 -33.05 -2.33
N PHE B 152 -7.17 -31.77 -2.70
CA PHE B 152 -6.65 -31.38 -4.00
C PHE B 152 -5.14 -31.55 -4.12
N THR B 153 -4.38 -31.20 -3.08
CA THR B 153 -2.93 -31.34 -3.17
C THR B 153 -2.55 -32.79 -3.28
N PHE B 154 -3.30 -33.67 -2.61
CA PHE B 154 -2.96 -35.07 -2.74
C PHE B 154 -3.25 -35.57 -4.15
N VAL B 155 -4.43 -35.27 -4.67
CA VAL B 155 -4.76 -35.72 -6.04
C VAL B 155 -3.85 -35.02 -7.06
N PHE B 156 -3.50 -33.77 -6.80
CA PHE B 156 -2.61 -33.06 -7.71
C PHE B 156 -1.24 -33.71 -7.73
N ALA B 157 -0.63 -33.84 -6.55
CA ALA B 157 0.72 -34.40 -6.43
C ALA B 157 0.82 -35.78 -7.06
N GLY B 158 -0.29 -36.51 -7.02
CA GLY B 158 -0.38 -37.81 -7.67
C GLY B 158 -0.04 -37.75 -9.15
N PHE B 159 -0.59 -36.75 -9.84
CA PHE B 159 -0.31 -36.54 -11.26
C PHE B 159 1.17 -36.16 -11.52
N LEU B 160 1.68 -35.23 -10.70
CA LEU B 160 3.05 -34.74 -10.78
C LEU B 160 4.03 -35.89 -10.67
N TYR B 161 3.59 -36.93 -9.97
CA TYR B 161 4.29 -38.20 -9.87
C TYR B 161 4.18 -38.97 -11.18
N PRO B 177 12.60 -45.04 -5.73
CA PRO B 177 11.59 -45.43 -4.74
C PRO B 177 10.17 -45.26 -5.29
N PHE B 178 9.16 -45.38 -4.43
CA PHE B 178 7.78 -45.07 -4.79
C PHE B 178 7.29 -43.88 -3.95
N TYR B 179 8.21 -43.19 -3.28
CA TYR B 179 7.86 -41.99 -2.50
C TYR B 179 8.07 -40.70 -3.29
N ASP B 180 8.57 -40.82 -4.53
CA ASP B 180 8.88 -39.67 -5.38
C ASP B 180 7.66 -38.75 -5.49
N TYR B 181 6.52 -39.28 -5.08
CA TYR B 181 5.30 -38.52 -4.80
C TYR B 181 5.59 -37.31 -3.92
N PHE B 182 6.52 -37.48 -2.97
CA PHE B 182 6.93 -36.38 -2.11
C PHE B 182 7.55 -35.25 -2.94
N MET B 183 8.54 -35.55 -3.80
CA MET B 183 9.06 -34.54 -4.75
C MET B 183 9.15 -34.97 -6.25
N GLY B 184 8.07 -35.53 -6.77
CA GLY B 184 7.85 -35.62 -8.21
C GLY B 184 8.81 -36.32 -9.14
N THR B 185 8.34 -36.52 -10.36
CA THR B 185 9.14 -36.98 -11.48
C THR B 185 9.11 -35.85 -12.50
N ALA B 186 9.18 -34.62 -12.00
CA ALA B 186 8.99 -33.47 -12.87
C ALA B 186 10.11 -32.43 -12.94
N LEU B 187 10.65 -32.03 -11.79
CA LEU B 187 11.47 -30.85 -11.74
C LEU B 187 10.47 -29.77 -12.12
N ASN B 188 10.70 -29.03 -13.21
CA ASN B 188 9.76 -28.01 -13.63
C ASN B 188 8.69 -28.44 -14.63
N PRO B 189 7.56 -28.88 -14.15
CA PRO B 189 6.47 -29.35 -15.03
C PRO B 189 5.59 -28.23 -15.59
N ARG B 190 5.00 -28.43 -16.76
CA ARG B 190 4.26 -27.36 -17.44
C ARG B 190 3.02 -27.80 -18.24
N ILE B 191 2.06 -26.88 -18.35
CA ILE B 191 0.88 -27.07 -19.21
C ILE B 191 0.71 -25.83 -20.09
N GLY B 192 1.20 -25.92 -21.33
CA GLY B 192 1.10 -24.84 -22.31
C GLY B 192 1.84 -23.57 -21.88
N SER B 193 2.99 -23.76 -21.23
CA SER B 193 3.81 -22.65 -20.80
C SER B 193 3.60 -22.25 -19.35
N LEU B 194 2.62 -22.87 -18.69
CA LEU B 194 2.34 -22.59 -17.28
C LEU B 194 3.35 -23.34 -16.40
N ASP B 195 4.30 -22.62 -15.82
CA ASP B 195 5.30 -23.30 -15.00
C ASP B 195 4.73 -23.54 -13.63
N LEU B 196 4.62 -24.80 -13.24
CA LEU B 196 3.80 -25.11 -12.08
C LEU B 196 4.44 -24.74 -10.74
N LYS B 197 5.76 -24.92 -10.59
CA LYS B 197 6.40 -24.60 -9.30
C LYS B 197 6.26 -23.12 -8.97
N LEU B 198 6.59 -22.29 -9.96
CA LEU B 198 6.51 -20.84 -9.82
C LEU B 198 5.07 -20.43 -9.55
N PHE B 199 4.18 -20.95 -10.38
CA PHE B 199 2.75 -20.64 -10.31
C PHE B 199 2.21 -20.86 -8.92
N CYS B 200 2.22 -22.11 -8.44
CA CYS B 200 1.76 -22.42 -7.08
C CYS B 200 2.52 -21.61 -6.00
N GLU B 201 3.82 -21.36 -6.22
CA GLU B 201 4.60 -20.53 -5.31
C GLU B 201 3.96 -19.16 -5.13
N ALA B 202 3.35 -18.64 -6.19
CA ALA B 202 2.93 -17.24 -6.19
C ALA B 202 1.44 -17.04 -6.19
N ARG B 203 0.77 -17.41 -7.27
CA ARG B 203 -0.63 -17.04 -7.46
C ARG B 203 -1.63 -17.63 -6.44
N PRO B 204 -1.94 -18.95 -6.52
CA PRO B 204 -3.09 -19.36 -5.72
C PRO B 204 -2.72 -19.49 -4.25
N GLY B 205 -1.42 -19.52 -3.98
CA GLY B 205 -0.94 -19.69 -2.62
C GLY B 205 -0.81 -18.38 -1.90
N MET B 206 -0.08 -17.43 -2.50
CA MET B 206 0.28 -16.20 -1.79
C MET B 206 -0.78 -15.11 -1.89
N ILE B 207 -1.36 -14.90 -3.07
CA ILE B 207 -2.45 -13.93 -3.21
C ILE B 207 -3.66 -14.36 -2.34
N PHE B 208 -3.83 -15.67 -2.18
CA PHE B 208 -4.90 -16.20 -1.34
C PHE B 208 -4.69 -15.76 0.12
N TRP B 209 -3.42 -15.71 0.55
CA TRP B 209 -3.05 -15.27 1.92
C TRP B 209 -3.66 -13.92 2.24
N LEU B 210 -3.42 -12.93 1.38
CA LEU B 210 -3.95 -11.59 1.57
C LEU B 210 -5.48 -11.53 1.61
N LEU B 211 -6.15 -12.23 0.69
CA LEU B 211 -7.60 -12.21 0.70
C LEU B 211 -8.12 -12.74 2.07
N MET B 212 -7.59 -13.87 2.52
CA MET B 212 -8.01 -14.34 3.83
C MET B 212 -7.75 -13.30 4.90
N ASN B 213 -6.54 -12.73 4.94
CA ASN B 213 -6.27 -11.67 5.90
C ASN B 213 -7.32 -10.53 5.87
N LEU B 214 -7.74 -10.14 4.67
CA LEU B 214 -8.76 -9.10 4.53
C LEU B 214 -10.08 -9.55 5.10
N SER B 215 -10.60 -10.65 4.55
CA SER B 215 -11.82 -11.29 5.07
C SER B 215 -11.79 -11.41 6.60
N MET B 216 -10.63 -11.78 7.14
CA MET B 216 -10.42 -11.86 8.59
C MET B 216 -10.53 -10.50 9.31
N ALA B 217 -9.91 -9.44 8.79
CA ALA B 217 -10.22 -8.10 9.33
C ALA B 217 -11.74 -7.85 9.33
N ALA B 218 -12.38 -8.10 8.17
CA ALA B 218 -13.82 -7.88 7.97
C ALA B 218 -14.66 -8.60 9.00
N LYS B 219 -14.33 -9.88 9.25
CA LYS B 219 -14.98 -10.62 10.32
C LYS B 219 -14.71 -9.96 11.68
N GLN B 220 -13.52 -9.41 11.91
CA GLN B 220 -13.30 -8.79 13.21
C GLN B 220 -14.12 -7.54 13.32
N TYR B 221 -14.34 -6.85 12.20
CA TYR B 221 -15.13 -5.63 12.22
C TYR B 221 -16.59 -5.94 12.52
N GLU B 222 -17.11 -6.98 11.88
CA GLU B 222 -18.51 -7.35 12.07
C GLU B 222 -18.81 -7.90 13.47
N LEU B 223 -17.84 -8.57 14.08
CA LEU B 223 -18.04 -9.16 15.41
C LEU B 223 -17.72 -8.21 16.57
N HIS B 224 -17.15 -7.04 16.30
CA HIS B 224 -16.68 -6.19 17.41
C HIS B 224 -16.79 -4.67 17.20
N GLY B 225 -17.24 -4.25 16.01
CA GLY B 225 -17.45 -2.84 15.72
C GLY B 225 -16.28 -2.04 15.12
N THR B 226 -15.05 -2.50 15.35
CA THR B 226 -13.87 -1.82 14.83
C THR B 226 -12.89 -2.88 14.31
N VAL B 227 -12.06 -2.50 13.35
CA VAL B 227 -10.86 -3.29 13.07
C VAL B 227 -9.75 -2.79 13.98
N THR B 228 -9.33 -3.63 14.93
CA THR B 228 -8.37 -3.20 15.96
C THR B 228 -7.00 -2.81 15.33
N VAL B 229 -6.22 -2.05 16.08
CA VAL B 229 -4.91 -1.65 15.59
C VAL B 229 -4.01 -2.86 15.34
N PRO B 230 -4.03 -3.88 16.24
CA PRO B 230 -3.14 -5.01 15.91
C PRO B 230 -3.53 -5.71 14.61
N MET B 231 -4.83 -5.85 14.34
CA MET B 231 -5.20 -6.30 13.00
C MET B 231 -4.60 -5.43 11.92
N LEU B 232 -4.75 -4.11 12.03
CA LEU B 232 -4.24 -3.24 10.96
C LEU B 232 -2.74 -3.46 10.78
N LEU B 233 -2.01 -3.62 11.87
CA LEU B 233 -0.59 -3.92 11.77
C LEU B 233 -0.37 -5.21 10.99
N VAL B 234 -0.82 -6.33 11.54
CA VAL B 234 -0.63 -7.63 10.89
C VAL B 234 -1.03 -7.59 9.41
N VAL B 235 -2.24 -7.13 9.11
CA VAL B 235 -2.72 -7.12 7.73
C VAL B 235 -1.98 -6.16 6.76
N GLY B 236 -1.65 -4.96 7.24
CA GLY B 236 -0.91 -4.01 6.42
C GLY B 236 0.54 -4.46 6.20
N PHE B 237 1.16 -4.96 7.26
CA PHE B 237 2.51 -5.47 7.26
C PHE B 237 2.69 -6.65 6.31
N GLN B 238 1.78 -7.62 6.41
CA GLN B 238 1.78 -8.73 5.47
C GLN B 238 1.45 -8.29 4.02
N SER B 239 0.47 -7.39 3.84
CA SER B 239 0.21 -6.80 2.51
C SER B 239 1.45 -6.19 1.88
N PHE B 240 2.20 -5.44 2.68
CA PHE B 240 3.40 -4.76 2.21
C PHE B 240 4.54 -5.73 1.95
N TYR B 241 4.62 -6.79 2.76
CA TYR B 241 5.56 -7.87 2.44
C TYR B 241 5.21 -8.47 1.07
N LEU B 242 3.93 -8.77 0.87
CA LEU B 242 3.53 -9.37 -0.38
C LEU B 242 3.75 -8.42 -1.58
N ILE B 243 3.41 -7.13 -1.41
CA ILE B 243 3.60 -6.18 -2.51
C ILE B 243 5.04 -6.19 -2.90
N ASP B 244 5.85 -6.15 -1.86
CA ASP B 244 7.28 -6.12 -2.04
C ASP B 244 7.69 -7.33 -2.89
N TYR B 245 7.15 -8.48 -2.51
CA TYR B 245 7.38 -9.73 -3.22
C TYR B 245 7.09 -9.63 -4.70
N PHE B 246 5.91 -9.12 -5.07
CA PHE B 246 5.57 -9.14 -6.50
C PHE B 246 6.39 -8.14 -7.30
N ILE B 247 6.76 -7.04 -6.65
CA ILE B 247 7.63 -6.07 -7.29
C ILE B 247 9.05 -6.66 -7.48
N HIS B 248 9.41 -7.65 -6.65
CA HIS B 248 10.72 -8.31 -6.86
C HIS B 248 10.54 -9.79 -7.21
N GLU B 249 9.61 -10.01 -8.14
CA GLU B 249 9.19 -11.32 -8.63
C GLU B 249 10.28 -12.05 -9.42
N GLU B 250 11.05 -11.29 -10.19
CA GLU B 250 12.15 -11.84 -10.99
C GLU B 250 13.13 -12.63 -10.14
N ALA B 251 13.33 -12.15 -8.92
CA ALA B 251 14.28 -12.73 -7.98
C ALA B 251 13.94 -14.18 -7.66
N VAL B 252 12.66 -14.52 -7.57
CA VAL B 252 12.29 -15.90 -7.26
C VAL B 252 12.52 -16.85 -8.44
N LEU B 253 13.10 -16.36 -9.54
CA LEU B 253 13.52 -17.27 -10.61
C LEU B 253 14.88 -17.93 -10.34
N THR B 254 15.49 -17.57 -9.21
CA THR B 254 16.82 -18.08 -8.85
C THR B 254 16.83 -18.85 -7.54
N THR B 255 15.69 -18.88 -6.85
CA THR B 255 15.59 -19.45 -5.53
C THR B 255 15.69 -20.96 -5.56
N TRP B 256 16.12 -21.53 -4.44
CA TRP B 256 16.37 -22.97 -4.34
C TRP B 256 15.20 -23.79 -4.79
N ASP B 257 14.01 -23.42 -4.34
CA ASP B 257 12.79 -24.12 -4.69
C ASP B 257 12.64 -24.18 -6.22
N ILE B 258 12.97 -23.08 -6.89
CA ILE B 258 12.80 -23.00 -8.34
C ILE B 258 13.92 -23.68 -9.11
N LYS B 259 15.15 -23.41 -8.69
CA LYS B 259 16.30 -23.90 -9.43
C LYS B 259 16.51 -25.41 -9.29
N HIS B 260 16.48 -25.90 -8.05
CA HIS B 260 16.93 -27.26 -7.79
C HIS B 260 15.82 -28.26 -7.43
N GLU B 261 15.01 -27.93 -6.45
CA GLU B 261 14.07 -28.87 -5.84
C GLU B 261 12.94 -29.30 -6.78
N LYS B 262 12.67 -30.61 -6.84
CA LYS B 262 11.67 -31.14 -7.76
C LYS B 262 10.27 -30.91 -7.19
N PHE B 263 9.31 -30.68 -8.09
CA PHE B 263 7.90 -30.50 -7.75
C PHE B 263 7.17 -31.77 -7.32
N GLY B 264 6.79 -31.84 -6.06
CA GLY B 264 6.04 -32.96 -5.55
C GLY B 264 5.19 -32.53 -4.38
N TRP B 265 4.58 -33.51 -3.70
CA TRP B 265 3.62 -33.18 -2.65
C TRP B 265 4.13 -32.15 -1.64
N MET B 266 5.38 -32.26 -1.21
CA MET B 266 5.90 -31.31 -0.21
C MET B 266 5.74 -29.91 -0.73
N LEU B 267 6.14 -29.69 -1.98
CA LEU B 267 6.07 -28.37 -2.59
C LEU B 267 4.63 -27.93 -2.81
N CYS B 268 3.81 -28.78 -3.45
CA CYS B 268 2.43 -28.43 -3.76
C CYS B 268 1.60 -28.12 -2.50
N TRP B 269 1.76 -28.94 -1.47
CA TRP B 269 0.99 -28.81 -0.24
C TRP B 269 1.55 -27.66 0.60
N GLY B 270 2.86 -27.48 0.60
CA GLY B 270 3.43 -26.33 1.28
C GLY B 270 2.98 -25.01 0.64
N ASP B 271 2.82 -25.01 -0.68
CA ASP B 271 2.42 -23.81 -1.41
C ASP B 271 0.96 -23.50 -1.19
N LEU B 272 0.08 -24.44 -1.57
CA LEU B 272 -1.36 -24.19 -1.50
C LEU B 272 -1.91 -24.12 -0.07
N VAL B 273 -1.34 -24.91 0.84
CA VAL B 273 -1.91 -25.10 2.17
C VAL B 273 -1.14 -24.50 3.33
N TRP B 274 0.15 -24.85 3.48
CA TRP B 274 0.89 -24.42 4.66
C TRP B 274 0.97 -22.91 4.76
N LEU B 275 1.32 -22.27 3.64
CA LEU B 275 1.55 -20.82 3.61
C LEU B 275 0.28 -20.03 3.92
N PRO B 276 -0.84 -20.29 3.21
CA PRO B 276 -1.99 -19.46 3.62
C PRO B 276 -2.52 -19.81 5.02
N PHE B 277 -2.79 -21.11 5.27
CA PHE B 277 -3.48 -21.51 6.48
C PHE B 277 -2.60 -21.53 7.75
N THR B 278 -1.30 -21.26 7.64
CA THR B 278 -0.55 -20.87 8.85
C THR B 278 0.01 -19.44 8.85
N TYR B 279 0.39 -18.89 7.69
CA TYR B 279 0.87 -17.50 7.70
C TYR B 279 -0.27 -16.56 8.15
N THR B 280 -1.51 -17.01 7.92
CA THR B 280 -2.71 -16.21 8.24
C THR B 280 -3.23 -16.35 9.71
N LEU B 281 -2.42 -17.00 10.55
CA LEU B 281 -2.81 -17.30 11.92
C LEU B 281 -2.95 -16.08 12.83
N GLN B 282 -2.02 -15.14 12.72
CA GLN B 282 -2.07 -13.91 13.51
C GLN B 282 -3.44 -13.25 13.34
N ALA B 283 -3.88 -13.08 12.09
CA ALA B 283 -5.23 -12.53 11.85
C ALA B 283 -6.31 -13.38 12.44
N GLN B 284 -6.20 -14.68 12.22
CA GLN B 284 -7.19 -15.62 12.76
C GLN B 284 -7.38 -15.37 14.26
N TYR B 285 -6.29 -15.50 15.01
CA TYR B 285 -6.26 -15.21 16.43
C TYR B 285 -6.92 -13.86 16.78
N LEU B 286 -6.49 -12.79 16.10
CA LEU B 286 -6.97 -11.43 16.36
C LEU B 286 -8.50 -11.24 16.13
N VAL B 287 -9.10 -12.08 15.27
CA VAL B 287 -10.52 -11.88 14.97
C VAL B 287 -11.35 -11.78 16.26
N HIS B 288 -10.99 -12.56 17.27
CA HIS B 288 -11.67 -12.45 18.55
C HIS B 288 -10.68 -12.20 19.70
N HIS B 289 -9.69 -11.35 19.42
CA HIS B 289 -8.85 -10.80 20.48
C HIS B 289 -8.70 -9.29 20.16
N THR B 290 -9.65 -8.56 20.72
CA THR B 290 -9.94 -7.16 20.44
C THR B 290 -9.24 -6.36 21.55
N HIS B 291 -7.93 -6.62 21.69
CA HIS B 291 -7.08 -5.89 22.64
C HIS B 291 -6.26 -4.81 21.95
N ASP B 292 -5.87 -3.78 22.70
CA ASP B 292 -5.05 -2.70 22.15
C ASP B 292 -3.60 -2.87 22.55
N LEU B 293 -2.73 -2.05 21.95
CA LEU B 293 -1.34 -2.01 22.34
C LEU B 293 -0.99 -0.62 22.89
N PRO B 294 -0.07 -0.58 23.86
CA PRO B 294 0.35 0.76 24.29
C PRO B 294 1.20 1.35 23.15
N VAL B 295 1.19 2.67 22.94
CA VAL B 295 1.90 3.24 21.77
C VAL B 295 3.40 2.90 21.71
N TRP B 296 3.99 2.50 22.84
CA TRP B 296 5.37 2.07 22.81
C TRP B 296 5.50 0.70 22.16
N GLY B 297 4.52 -0.16 22.36
CA GLY B 297 4.54 -1.45 21.72
C GLY B 297 4.37 -1.23 20.23
N ILE B 298 3.50 -0.28 19.87
CA ILE B 298 3.30 0.08 18.48
C ILE B 298 4.63 0.56 17.88
N ILE B 299 5.34 1.41 18.62
CA ILE B 299 6.59 1.94 18.09
C ILE B 299 7.68 0.85 17.97
N ALA B 300 7.78 -0.01 18.97
CA ALA B 300 8.81 -1.03 18.95
C ALA B 300 8.54 -1.93 17.76
N ILE B 301 7.26 -2.27 17.54
CA ILE B 301 6.87 -3.19 16.45
C ILE B 301 7.06 -2.61 15.04
N VAL B 302 6.47 -1.44 14.75
CA VAL B 302 6.77 -0.82 13.46
C VAL B 302 8.29 -0.65 13.24
N ALA B 303 9.03 -0.14 14.23
CA ALA B 303 10.48 0.04 14.11
C ALA B 303 11.12 -1.26 13.76
N LEU B 304 10.66 -2.31 14.41
CA LEU B 304 11.18 -3.63 14.15
C LEU B 304 10.93 -3.98 12.67
N ASN B 305 9.68 -3.82 12.21
CA ASN B 305 9.31 -4.14 10.84
C ASN B 305 10.11 -3.38 9.79
N LEU B 306 10.27 -2.07 9.95
CA LEU B 306 10.99 -1.31 8.93
C LEU B 306 12.50 -1.50 9.04
N ALA B 307 13.02 -1.72 10.24
CA ALA B 307 14.47 -1.91 10.34
C ALA B 307 14.74 -3.23 9.67
N GLY B 308 13.86 -4.18 9.93
CA GLY B 308 13.94 -5.50 9.33
C GLY B 308 13.88 -5.47 7.81
N TYR B 309 13.02 -4.60 7.27
CA TYR B 309 12.91 -4.45 5.84
C TYR B 309 14.05 -3.60 5.24
N ALA B 310 14.61 -2.68 6.03
CA ALA B 310 15.80 -1.95 5.62
C ALA B 310 16.94 -2.94 5.42
N ILE B 311 17.02 -3.92 6.32
CA ILE B 311 18.11 -4.89 6.28
C ILE B 311 17.85 -5.92 5.16
N PHE B 312 16.62 -6.41 5.08
CA PHE B 312 16.25 -7.33 4.00
C PHE B 312 16.43 -6.73 2.59
N ARG B 313 15.74 -5.66 2.25
CA ARG B 313 15.81 -5.16 0.87
C ARG B 313 17.06 -4.30 0.65
N GLY B 314 17.54 -3.68 1.72
CA GLY B 314 18.84 -3.00 1.69
C GLY B 314 19.98 -3.93 1.30
N ALA B 315 20.11 -5.05 2.01
CA ALA B 315 21.16 -6.03 1.67
C ALA B 315 21.10 -6.42 0.20
N ASN B 316 19.90 -6.75 -0.30
CA ASN B 316 19.71 -7.16 -1.71
C ASN B 316 19.97 -6.08 -2.78
N ILE B 317 19.37 -4.89 -2.64
CA ILE B 317 19.72 -3.84 -3.61
C ILE B 317 21.23 -3.65 -3.55
N GLN B 318 21.84 -3.70 -2.36
CA GLN B 318 23.30 -3.51 -2.27
C GLN B 318 24.07 -4.55 -3.09
N LYS B 319 23.62 -5.81 -2.99
CA LYS B 319 24.16 -6.85 -3.87
C LYS B 319 24.07 -6.45 -5.34
N HIS B 320 22.86 -6.24 -5.87
CA HIS B 320 22.71 -5.90 -7.29
C HIS B 320 23.49 -4.67 -7.72
N HIS B 321 23.18 -3.58 -7.03
CA HIS B 321 23.72 -2.25 -7.23
C HIS B 321 25.26 -2.26 -7.18
N PHE B 322 25.86 -3.22 -6.45
CA PHE B 322 27.32 -3.41 -6.57
C PHE B 322 27.69 -4.27 -7.79
N ARG B 323 26.99 -5.39 -7.97
CA ARG B 323 27.36 -6.34 -9.01
C ARG B 323 26.98 -5.88 -10.42
N ARG B 324 26.42 -4.69 -10.51
CA ARG B 324 26.11 -4.08 -11.80
C ARG B 324 27.08 -2.95 -12.09
N ASP B 325 28.09 -2.80 -11.23
CA ASP B 325 29.06 -1.72 -11.41
C ASP B 325 30.43 -1.99 -10.77
N PRO B 326 31.44 -1.22 -11.17
CA PRO B 326 32.69 -1.30 -10.41
C PRO B 326 32.26 -1.00 -8.98
N ASN B 327 31.51 0.09 -8.88
CA ASN B 327 30.81 0.46 -7.65
C ASN B 327 31.75 0.47 -6.47
N ARG B 328 32.85 1.21 -6.62
CA ARG B 328 33.74 1.45 -5.50
C ARG B 328 32.93 2.05 -4.34
N ILE B 329 31.95 2.89 -4.66
CA ILE B 329 31.10 3.51 -3.64
C ILE B 329 30.11 2.58 -2.97
N VAL B 330 30.36 2.25 -1.71
CA VAL B 330 29.39 1.62 -0.84
C VAL B 330 29.63 2.13 0.58
N TRP B 331 28.66 2.87 1.12
CA TRP B 331 28.80 3.53 2.41
C TRP B 331 29.98 4.52 2.46
N GLY B 332 30.56 4.73 3.65
CA GLY B 332 31.57 5.76 3.81
C GLY B 332 32.88 5.66 3.03
N LYS B 333 33.38 4.45 2.83
CA LYS B 333 34.65 4.21 2.13
C LYS B 333 34.41 3.59 0.72
N PRO B 334 35.50 3.29 0.01
CA PRO B 334 35.44 2.54 -1.24
C PRO B 334 35.05 1.06 -1.05
N ALA B 335 34.48 0.44 -2.08
CA ALA B 335 33.95 -0.92 -2.04
C ALA B 335 35.00 -2.03 -1.90
N LYS B 336 34.59 -3.18 -1.35
CA LYS B 336 35.51 -4.26 -1.03
C LYS B 336 34.93 -5.56 -1.54
N TYR B 337 35.57 -6.14 -2.54
CA TYR B 337 35.07 -7.40 -3.03
C TYR B 337 36.19 -8.44 -3.11
N ILE B 338 35.79 -9.68 -3.35
CA ILE B 338 36.71 -10.76 -3.63
C ILE B 338 36.39 -11.17 -5.07
N LYS B 339 37.40 -11.10 -5.93
CA LYS B 339 37.23 -11.43 -7.34
C LYS B 339 37.45 -12.91 -7.54
N THR B 340 36.35 -13.65 -7.51
CA THR B 340 36.41 -15.09 -7.58
C THR B 340 36.91 -15.53 -8.93
N LYS B 341 37.80 -16.52 -8.89
CA LYS B 341 38.42 -17.12 -10.07
C LYS B 341 37.40 -17.46 -11.14
N GLN B 342 36.23 -17.93 -10.71
CA GLN B 342 35.13 -18.22 -11.61
C GLN B 342 34.21 -17.01 -11.80
N GLY B 343 34.80 -15.97 -12.37
CA GLY B 343 34.13 -14.78 -12.87
C GLY B 343 32.95 -14.20 -12.13
N SER B 344 33.13 -13.90 -10.86
CA SER B 344 32.06 -13.28 -10.08
C SER B 344 32.64 -12.48 -8.93
N LEU B 345 31.84 -11.56 -8.40
CA LEU B 345 32.32 -10.73 -7.30
C LEU B 345 31.59 -11.08 -6.02
N LEU B 346 32.33 -11.10 -4.92
CA LEU B 346 31.73 -11.36 -3.62
C LEU B 346 31.93 -10.10 -2.80
N LEU B 347 30.82 -9.40 -2.54
CA LEU B 347 30.89 -8.12 -1.85
C LEU B 347 31.35 -8.41 -0.43
N THR B 348 32.41 -7.73 0.00
CA THR B 348 32.96 -7.89 1.34
C THR B 348 32.90 -6.58 2.13
N SER B 349 31.85 -5.81 1.90
CA SER B 349 31.69 -4.54 2.58
C SER B 349 30.22 -4.17 2.50
N GLY B 350 29.77 -3.28 3.39
CA GLY B 350 28.34 -3.01 3.48
C GLY B 350 27.72 -4.18 4.25
N TRP B 351 26.45 -4.49 4.01
CA TRP B 351 25.79 -5.58 4.73
C TRP B 351 26.51 -6.90 4.58
N TRP B 352 26.99 -7.15 3.38
CA TRP B 352 27.67 -8.39 3.05
C TRP B 352 29.05 -8.46 3.71
N GLY B 353 29.48 -7.33 4.27
CA GLY B 353 30.69 -7.21 5.05
C GLY B 353 30.45 -7.43 6.55
N ILE B 354 29.21 -7.31 7.01
CA ILE B 354 28.88 -7.47 8.44
C ILE B 354 28.69 -8.94 8.81
N ALA B 355 27.84 -9.59 8.03
CA ALA B 355 27.54 -11.00 8.22
C ALA B 355 27.11 -11.55 6.88
N ARG B 356 27.37 -12.84 6.67
CA ARG B 356 27.07 -13.46 5.39
C ARG B 356 25.59 -13.54 5.06
N HIS B 357 24.73 -13.40 6.04
CA HIS B 357 23.30 -13.36 5.72
C HIS B 357 22.54 -12.37 6.56
N MET B 358 22.91 -11.11 6.35
CA MET B 358 22.21 -10.02 6.98
C MET B 358 20.79 -9.96 6.45
N ASN B 359 20.61 -10.14 5.14
CA ASN B 359 19.26 -10.13 4.57
C ASN B 359 18.33 -11.13 5.26
N TYR B 360 18.83 -12.32 5.58
CA TYR B 360 18.04 -13.28 6.34
C TYR B 360 17.61 -12.67 7.67
N PHE B 361 18.57 -12.06 8.37
CA PHE B 361 18.26 -11.41 9.63
C PHE B 361 17.14 -10.39 9.47
N GLY B 362 17.23 -9.60 8.42
CA GLY B 362 16.13 -8.72 8.02
C GLY B 362 14.78 -9.44 7.94
N ASP B 363 14.78 -10.59 7.25
CA ASP B 363 13.58 -11.38 7.01
C ASP B 363 13.00 -11.86 8.33
N LEU B 364 13.88 -12.29 9.21
CA LEU B 364 13.47 -12.80 10.51
C LEU B 364 12.84 -11.69 11.35
N MET B 365 13.46 -10.51 11.37
CA MET B 365 12.85 -9.38 12.09
C MET B 365 11.46 -9.09 11.55
N ILE B 366 11.35 -9.00 10.23
CA ILE B 366 10.02 -8.79 9.63
C ILE B 366 8.99 -9.86 10.11
N ALA B 367 9.44 -11.12 10.17
CA ALA B 367 8.60 -12.18 10.70
C ALA B 367 8.10 -11.89 12.14
N LEU B 368 9.07 -11.72 13.04
CA LEU B 368 8.80 -11.41 14.45
C LEU B 368 7.80 -10.26 14.60
N SER B 369 7.95 -9.24 13.78
CA SER B 369 7.04 -8.14 13.88
C SER B 369 5.64 -8.51 13.33
N TRP B 370 5.50 -9.45 12.39
CA TRP B 370 4.11 -9.93 12.11
C TRP B 370 3.52 -10.54 13.36
N CYS B 371 4.34 -11.24 14.13
CA CYS B 371 3.75 -11.94 15.27
C CYS B 371 3.43 -11.05 16.50
N LEU B 372 4.24 -10.04 16.79
CA LEU B 372 4.01 -9.29 18.05
C LEU B 372 2.72 -8.48 18.28
N PRO B 373 1.99 -8.11 17.21
CA PRO B 373 0.68 -7.51 17.50
C PRO B 373 -0.19 -8.38 18.40
N ALA B 374 -0.03 -9.69 18.32
CA ALA B 374 -0.88 -10.64 19.05
C ALA B 374 -0.75 -10.56 20.57
N ALA B 375 0.27 -9.85 21.06
CA ALA B 375 0.59 -9.75 22.49
C ALA B 375 1.03 -11.11 23.01
N PHE B 376 0.71 -11.45 24.27
CA PHE B 376 1.23 -12.72 24.83
C PHE B 376 0.13 -13.61 25.42
N GLY B 377 -1.05 -13.50 24.80
CA GLY B 377 -2.19 -14.32 25.15
C GLY B 377 -1.91 -15.78 24.88
N SER B 378 -1.33 -16.08 23.71
CA SER B 378 -1.13 -17.48 23.32
C SER B 378 0.17 -17.71 22.54
N PRO B 379 0.81 -18.85 22.76
CA PRO B 379 2.00 -19.29 22.00
C PRO B 379 1.75 -19.40 20.53
N ILE B 380 0.52 -19.73 20.12
CA ILE B 380 0.21 -20.02 18.71
C ILE B 380 0.70 -18.96 17.68
N PRO B 381 0.38 -17.67 17.90
CA PRO B 381 0.88 -16.68 16.95
C PRO B 381 2.39 -16.77 16.75
N TYR B 382 3.08 -17.15 17.81
CA TYR B 382 4.53 -17.21 17.77
C TYR B 382 5.12 -18.50 17.19
N PHE B 383 4.32 -19.31 16.51
CA PHE B 383 4.91 -20.54 16.02
C PHE B 383 5.44 -20.29 14.65
N HIS B 384 5.16 -19.10 14.13
CA HIS B 384 5.68 -18.77 12.83
C HIS B 384 7.12 -18.41 12.98
N ILE B 385 7.39 -17.52 13.93
CA ILE B 385 8.77 -17.22 14.29
C ILE B 385 9.61 -18.48 14.54
N VAL B 386 9.02 -19.54 15.10
CA VAL B 386 9.78 -20.77 15.20
C VAL B 386 10.10 -21.32 13.82
N TYR B 387 9.05 -21.59 13.06
CA TYR B 387 9.18 -22.24 11.74
C TYR B 387 10.14 -21.47 10.85
N PHE B 388 9.86 -20.18 10.69
CA PHE B 388 10.71 -19.37 9.85
C PHE B 388 12.15 -19.49 10.30
N THR B 389 12.38 -19.41 11.62
CA THR B 389 13.76 -19.48 12.11
C THR B 389 14.40 -20.77 11.59
N ILE B 390 13.77 -21.91 11.89
CA ILE B 390 14.32 -23.17 11.42
C ILE B 390 14.49 -23.14 9.91
N LEU B 391 13.46 -22.68 9.20
CA LEU B 391 13.56 -22.63 7.76
C LEU B 391 14.82 -21.91 7.36
N LEU B 392 14.99 -20.68 7.84
CA LEU B 392 16.16 -19.89 7.46
C LEU B 392 17.44 -20.62 7.83
N LEU B 393 17.44 -21.26 9.00
CA LEU B 393 18.63 -21.99 9.39
C LEU B 393 18.99 -23.03 8.36
N HIS B 394 18.00 -23.80 7.89
CA HIS B 394 18.28 -24.75 6.81
C HIS B 394 18.85 -23.98 5.61
N ARG B 395 18.14 -22.91 5.23
CA ARG B 395 18.45 -22.13 4.03
C ARG B 395 19.90 -21.68 4.01
N GLU B 396 20.32 -21.00 5.08
CA GLU B 396 21.69 -20.51 5.17
C GLU B 396 22.66 -21.65 5.01
N LYS B 397 22.48 -22.72 5.78
CA LYS B 397 23.49 -23.78 5.75
C LYS B 397 23.61 -24.24 4.30
N ARG B 398 22.47 -24.38 3.65
CA ARG B 398 22.44 -24.92 2.31
C ARG B 398 23.26 -24.00 1.40
N ASP B 399 22.94 -22.72 1.47
CA ASP B 399 23.55 -21.72 0.62
C ASP B 399 25.04 -21.74 0.86
N ASP B 400 25.45 -21.82 2.14
CA ASP B 400 26.88 -21.88 2.43
C ASP B 400 27.50 -23.01 1.60
N ALA B 401 26.97 -24.21 1.77
CA ALA B 401 27.50 -25.36 1.03
C ALA B 401 27.59 -25.10 -0.46
N MET B 402 26.53 -24.54 -1.05
CA MET B 402 26.53 -24.35 -2.51
C MET B 402 27.65 -23.40 -2.91
N CYS B 403 27.81 -22.32 -2.15
CA CYS B 403 28.82 -21.33 -2.49
C CYS B 403 30.20 -21.87 -2.20
N LEU B 404 30.28 -23.00 -1.50
CA LEU B 404 31.56 -23.69 -1.38
C LEU B 404 31.79 -24.54 -2.62
N ALA B 405 30.75 -25.20 -3.10
CA ALA B 405 30.85 -25.99 -4.32
C ALA B 405 31.16 -25.08 -5.49
N LYS B 406 30.71 -23.83 -5.41
CA LYS B 406 30.84 -22.90 -6.53
C LYS B 406 32.11 -22.04 -6.50
N TYR B 407 32.43 -21.44 -5.35
CA TYR B 407 33.54 -20.47 -5.29
C TYR B 407 34.85 -21.00 -4.69
N GLY B 408 34.80 -22.21 -4.14
CA GLY B 408 35.99 -22.86 -3.60
C GLY B 408 36.86 -21.98 -2.71
N GLU B 409 38.13 -21.83 -3.09
CA GLU B 409 39.07 -21.07 -2.27
C GLU B 409 38.58 -19.67 -1.99
N ASP B 410 37.95 -19.06 -2.99
CA ASP B 410 37.47 -17.70 -2.82
C ASP B 410 36.41 -17.68 -1.71
N TRP B 411 35.51 -18.67 -1.69
CA TRP B 411 34.55 -18.82 -0.60
C TRP B 411 35.23 -18.92 0.75
N LEU B 412 36.33 -19.69 0.82
CA LEU B 412 37.01 -19.82 2.09
C LEU B 412 37.54 -18.45 2.48
N GLN B 413 38.04 -17.70 1.48
CA GLN B 413 38.52 -16.34 1.71
C GLN B 413 37.37 -15.54 2.29
N TYR B 414 36.20 -15.69 1.68
CA TYR B 414 35.03 -14.96 2.09
C TYR B 414 34.68 -15.29 3.52
N ARG B 415 34.72 -16.58 3.86
CA ARG B 415 34.34 -16.99 5.20
C ARG B 415 35.37 -16.53 6.21
N LYS B 416 36.58 -16.27 5.73
CA LYS B 416 37.61 -15.72 6.58
C LYS B 416 37.29 -14.25 6.82
N LYS B 417 36.77 -13.60 5.78
CA LYS B 417 36.41 -12.20 5.83
C LYS B 417 35.16 -11.96 6.70
N VAL B 418 34.10 -12.70 6.42
CA VAL B 418 32.84 -12.49 7.12
C VAL B 418 32.29 -13.79 7.74
N PRO B 419 32.81 -14.14 8.92
CA PRO B 419 32.49 -15.42 9.58
C PRO B 419 31.04 -15.55 10.02
N TRP B 420 30.38 -14.46 10.41
CA TRP B 420 29.03 -14.55 10.98
C TRP B 420 27.99 -14.85 9.91
N ARG B 421 27.36 -16.02 10.03
CA ARG B 421 26.42 -16.44 9.01
C ARG B 421 25.23 -15.48 8.92
N ILE B 422 24.53 -15.32 10.04
CA ILE B 422 23.42 -14.42 10.12
C ILE B 422 23.46 -13.38 11.20
N VAL B 423 24.08 -13.67 12.33
CA VAL B 423 24.05 -12.72 13.44
C VAL B 423 25.43 -12.29 13.87
N PRO B 424 25.70 -10.93 13.73
CA PRO B 424 27.12 -10.60 13.96
C PRO B 424 27.69 -10.82 15.33
N LYS B 425 27.00 -10.40 16.38
CA LYS B 425 27.55 -10.59 17.71
C LYS B 425 27.60 -12.05 17.99
N ILE B 426 26.58 -12.76 17.56
CA ILE B 426 26.32 -14.11 18.06
C ILE B 426 26.59 -15.32 17.13
N TYR B 427 25.93 -15.33 15.97
CA TYR B 427 25.95 -16.47 15.03
C TYR B 427 25.59 -16.03 13.60
#